data_6BNA
# 
_entry.id   6BNA 
# 
_audit_conform.dict_name       mmcif_pdbx.dic 
_audit_conform.dict_version    5.387 
_audit_conform.dict_location   http://mmcif.pdb.org/dictionaries/ascii/mmcif_pdbx.dic 
# 
loop_
_database_2.database_id 
_database_2.database_code 
_database_2.pdbx_database_accession 
_database_2.pdbx_DOI 
PDB   6BNA         pdb_00006bna 10.2210/pdb6bna/pdb 
RCSB  GDLB05       ?            ?                   
WWPDB D_1000179799 ?            ?                   
# 
loop_
_pdbx_audit_revision_history.ordinal 
_pdbx_audit_revision_history.data_content_type 
_pdbx_audit_revision_history.major_revision 
_pdbx_audit_revision_history.minor_revision 
_pdbx_audit_revision_history.revision_date 
1 'Structure model' 1 0 1984-10-29 
2 'Structure model' 1 1 2008-05-22 
3 'Structure model' 1 2 2011-07-13 
4 'Structure model' 1 3 2024-03-13 
# 
_pdbx_audit_revision_details.ordinal             1 
_pdbx_audit_revision_details.revision_ordinal    1 
_pdbx_audit_revision_details.data_content_type   'Structure model' 
_pdbx_audit_revision_details.provider            repository 
_pdbx_audit_revision_details.type                'Initial release' 
_pdbx_audit_revision_details.description         ? 
_pdbx_audit_revision_details.details             ? 
# 
loop_
_pdbx_audit_revision_group.ordinal 
_pdbx_audit_revision_group.revision_ordinal 
_pdbx_audit_revision_group.data_content_type 
_pdbx_audit_revision_group.group 
1 2 'Structure model' 'Version format compliance' 
2 3 'Structure model' 'Version format compliance' 
3 4 'Structure model' 'Data collection'           
4 4 'Structure model' 'Database references'       
5 4 'Structure model' 'Derived calculations'      
# 
loop_
_pdbx_audit_revision_category.ordinal 
_pdbx_audit_revision_category.revision_ordinal 
_pdbx_audit_revision_category.data_content_type 
_pdbx_audit_revision_category.category 
1 4 'Structure model' chem_comp_atom 
2 4 'Structure model' chem_comp_bond 
3 4 'Structure model' database_2     
4 4 'Structure model' struct_conn    
5 4 'Structure model' struct_site    
# 
loop_
_pdbx_audit_revision_item.ordinal 
_pdbx_audit_revision_item.revision_ordinal 
_pdbx_audit_revision_item.data_content_type 
_pdbx_audit_revision_item.item 
1 4 'Structure model' '_database_2.pdbx_DOI'                
2 4 'Structure model' '_database_2.pdbx_database_accession' 
3 4 'Structure model' '_struct_conn.pdbx_leaving_atom_flag' 
4 4 'Structure model' '_struct_site.pdbx_auth_asym_id'      
5 4 'Structure model' '_struct_site.pdbx_auth_comp_id'      
6 4 'Structure model' '_struct_site.pdbx_auth_seq_id'       
# 
_pdbx_database_status.status_code                     REL 
_pdbx_database_status.entry_id                        6BNA 
_pdbx_database_status.recvd_initial_deposition_date   1984-08-30 
_pdbx_database_status.deposit_site                    BNL 
_pdbx_database_status.process_site                    BNL 
_pdbx_database_status.status_code_sf                  REL 
_pdbx_database_status.status_code_mr                  ? 
_pdbx_database_status.SG_entry                        ? 
_pdbx_database_status.pdb_format_compatible           Y 
_pdbx_database_status.status_code_cs                  ? 
_pdbx_database_status.status_code_nmr_data            ? 
_pdbx_database_status.methods_development_category    ? 
# 
loop_
_audit_author.name 
_audit_author.pdbx_ordinal 
'Kopka, M.L.'     1 
'Yoon, C.'        2 
'Goodsell, D.'    3 
'Pjura, P.'       4 
'Dickerson, R.E.' 5 
# 
loop_
_citation.id 
_citation.title 
_citation.journal_abbrev 
_citation.journal_volume 
_citation.page_first 
_citation.page_last 
_citation.year 
_citation.journal_id_ASTM 
_citation.country 
_citation.journal_id_ISSN 
_citation.journal_id_CSD 
_citation.book_publisher 
_citation.pdbx_database_id_PubMed 
_citation.pdbx_database_id_DOI 
primary 'Binding of an antitumor drug to DNA, Netropsin and C-G-C-G-A-A-T-T-BrC-G-C-G.' J.Mol.Biol. 183 553  563  1985 JMOBAK UK 
0022-2836 0070 ?                                    2991536 '10.1016/0022-2836(85)90171-8' 
1       
'The Binding of Netropsin to Double-Helical B-DNA of Sequence C-G-C-G-A-A-T-T-BrC-G-C-G. Single Crystal X-Ray Structure Analysis' 
'Structure and Motion. Membranes, Nucleic Acids and Protein.' ?   ?    ?    ?    ?      ?  ?         ?    
'Adenine Press,Guilderland,New York' ?       ?                              
2       'The Molecular Origin of DNA-Drug Specificity in Netropsin and Distamycin' Proc.Natl.Acad.Sci.USA 82  1376 1380 1985 
PNASA6 US 0027-8424 0040 ?                                    ?       ?                              
# 
loop_
_citation_author.citation_id 
_citation_author.name 
_citation_author.ordinal 
_citation_author.identifier_ORCID 
primary 'Kopka, M.L.'     1  ? 
primary 'Yoon, C.'        2  ? 
primary 'Goodsell, D.'    3  ? 
primary 'Pjura, P.'       4  ? 
primary 'Dickerson, R.E.' 5  ? 
1       'Kopka, M.L.'     6  ? 
1       'Pjura, P.'       7  ? 
1       'Yoon, C.'        8  ? 
1       'Goodsell, D.'    9  ? 
1       'Dickerson, R.E.' 10 ? 
2       'Kopka, M.L.'     11 ? 
2       'Yoon, C.'        12 ? 
2       'Goodsell, D.'    13 ? 
2       'Pjura, P.'       14 ? 
2       'Dickerson, R.E.' 15 ? 
# 
loop_
_entity.id 
_entity.type 
_entity.src_method 
_entity.pdbx_description 
_entity.formula_weight 
_entity.pdbx_number_of_molecules 
_entity.pdbx_ec 
_entity.pdbx_mutation 
_entity.pdbx_fragment 
_entity.details 
1 polymer     syn 
;DNA (5'-D(*CP*GP*CP*GP*AP*AP*TP*TP*(CBR)P*GP*CP*G)-3')
;
3742.288 2  ? ? ? ? 
2 non-polymer syn NETROPSIN                                                430.464  1  ? ? ? ? 
3 water       nat water                                                    18.015   75 ? ? ? ? 
# 
_entity_poly.entity_id                      1 
_entity_poly.type                           polydeoxyribonucleotide 
_entity_poly.nstd_linkage                   no 
_entity_poly.nstd_monomer                   yes 
_entity_poly.pdbx_seq_one_letter_code       '(DC)(DG)(DC)(DG)(DA)(DA)(DT)(DT)(CBR)(DG)(DC)(DG)' 
_entity_poly.pdbx_seq_one_letter_code_can   CGCGAATTCGCG 
_entity_poly.pdbx_strand_id                 A,B 
_entity_poly.pdbx_target_identifier         ? 
# 
loop_
_pdbx_entity_nonpoly.entity_id 
_pdbx_entity_nonpoly.name 
_pdbx_entity_nonpoly.comp_id 
2 NETROPSIN NT  
3 water     HOH 
# 
loop_
_entity_poly_seq.entity_id 
_entity_poly_seq.num 
_entity_poly_seq.mon_id 
_entity_poly_seq.hetero 
1 1  DC  n 
1 2  DG  n 
1 3  DC  n 
1 4  DG  n 
1 5  DA  n 
1 6  DA  n 
1 7  DT  n 
1 8  DT  n 
1 9  CBR n 
1 10 DG  n 
1 11 DC  n 
1 12 DG  n 
# 
loop_
_chem_comp.id 
_chem_comp.type 
_chem_comp.mon_nstd_flag 
_chem_comp.name 
_chem_comp.pdbx_synonyms 
_chem_comp.formula 
_chem_comp.formula_weight 
CBR 'DNA linking' n "5-BROMO-2'-DEOXY-CYTIDINE-5'-MONOPHOSPHATE" ? 'C9 H13 Br N3 O7 P' 386.093 
DA  'DNA linking' y "2'-DEOXYADENOSINE-5'-MONOPHOSPHATE"         ? 'C10 H14 N5 O6 P'   331.222 
DC  'DNA linking' y "2'-DEOXYCYTIDINE-5'-MONOPHOSPHATE"          ? 'C9 H14 N3 O7 P'    307.197 
DG  'DNA linking' y "2'-DEOXYGUANOSINE-5'-MONOPHOSPHATE"         ? 'C10 H14 N5 O7 P'   347.221 
DT  'DNA linking' y "THYMIDINE-5'-MONOPHOSPHATE"                 ? 'C10 H15 N2 O8 P'   322.208 
HOH non-polymer   . WATER                                        ? 'H2 O'              18.015  
NT  non-polymer   . NETROPSIN                                    ? 'C18 H26 N10 O3'    430.464 
# 
loop_
_pdbx_poly_seq_scheme.asym_id 
_pdbx_poly_seq_scheme.entity_id 
_pdbx_poly_seq_scheme.seq_id 
_pdbx_poly_seq_scheme.mon_id 
_pdbx_poly_seq_scheme.ndb_seq_num 
_pdbx_poly_seq_scheme.pdb_seq_num 
_pdbx_poly_seq_scheme.auth_seq_num 
_pdbx_poly_seq_scheme.pdb_mon_id 
_pdbx_poly_seq_scheme.auth_mon_id 
_pdbx_poly_seq_scheme.pdb_strand_id 
_pdbx_poly_seq_scheme.pdb_ins_code 
_pdbx_poly_seq_scheme.hetero 
A 1 1  DC  1  1  1  DC  C A . n 
A 1 2  DG  2  2  2  DG  G A . n 
A 1 3  DC  3  3  3  DC  C A . n 
A 1 4  DG  4  4  4  DG  G A . n 
A 1 5  DA  5  5  5  DA  A A . n 
A 1 6  DA  6  6  6  DA  A A . n 
A 1 7  DT  7  7  7  DT  T A . n 
A 1 8  DT  8  8  8  DT  T A . n 
A 1 9  CBR 9  9  9  CBR C A . n 
A 1 10 DG  10 10 10 DG  G A . n 
A 1 11 DC  11 11 11 DC  C A . n 
A 1 12 DG  12 12 12 DG  G A . n 
B 1 1  DC  1  13 13 DC  C B . n 
B 1 2  DG  2  14 14 DG  G B . n 
B 1 3  DC  3  15 15 DC  C B . n 
B 1 4  DG  4  16 16 DG  G B . n 
B 1 5  DA  5  17 17 DA  A B . n 
B 1 6  DA  6  18 18 DA  A B . n 
B 1 7  DT  7  19 19 DT  T B . n 
B 1 8  DT  8  20 20 DT  T B . n 
B 1 9  CBR 9  21 21 CBR C B . n 
B 1 10 DG  10 22 22 DG  G B . n 
B 1 11 DC  11 23 23 DC  C B . n 
B 1 12 DG  12 24 24 DG  G B . n 
# 
loop_
_pdbx_nonpoly_scheme.asym_id 
_pdbx_nonpoly_scheme.entity_id 
_pdbx_nonpoly_scheme.mon_id 
_pdbx_nonpoly_scheme.ndb_seq_num 
_pdbx_nonpoly_scheme.pdb_seq_num 
_pdbx_nonpoly_scheme.auth_seq_num 
_pdbx_nonpoly_scheme.pdb_mon_id 
_pdbx_nonpoly_scheme.auth_mon_id 
_pdbx_nonpoly_scheme.pdb_strand_id 
_pdbx_nonpoly_scheme.pdb_ins_code 
C 2 NT  1  25  25  NT  NT  B . 
D 3 HOH 1  26  26  HOH HOH A . 
D 3 HOH 2  27  27  HOH HOH A . 
D 3 HOH 3  28  28  HOH HOH A . 
D 3 HOH 4  30  30  HOH HOH A . 
D 3 HOH 5  34  34  HOH HOH A . 
D 3 HOH 6  38  38  HOH HOH A . 
D 3 HOH 7  39  39  HOH HOH A . 
D 3 HOH 8  42  42  HOH HOH A . 
D 3 HOH 9  46  46  HOH HOH A . 
D 3 HOH 10 49  49  HOH HOH A . 
D 3 HOH 11 50  50  HOH HOH A . 
D 3 HOH 12 51  51  HOH HOH A . 
D 3 HOH 13 52  52  HOH HOH A . 
D 3 HOH 14 55  55  HOH HOH A . 
D 3 HOH 15 56  56  HOH HOH A . 
D 3 HOH 16 57  57  HOH HOH A . 
D 3 HOH 17 58  58  HOH HOH A . 
D 3 HOH 18 60  60  HOH HOH A . 
D 3 HOH 19 61  61  HOH HOH A . 
D 3 HOH 20 72  72  HOH HOH A . 
D 3 HOH 21 73  73  HOH HOH A . 
D 3 HOH 22 78  78  HOH HOH A . 
D 3 HOH 23 79  79  HOH HOH A . 
D 3 HOH 24 82  82  HOH HOH A . 
D 3 HOH 25 84  84  HOH HOH A . 
D 3 HOH 26 85  85  HOH HOH A . 
D 3 HOH 27 89  89  HOH HOH A . 
D 3 HOH 28 90  90  HOH HOH A . 
D 3 HOH 29 91  91  HOH HOH A . 
D 3 HOH 30 92  92  HOH HOH A . 
D 3 HOH 31 94  94  HOH HOH A . 
D 3 HOH 32 97  97  HOH HOH A . 
D 3 HOH 33 100 100 HOH HOH A . 
E 3 HOH 1  29  29  HOH HOH B . 
E 3 HOH 2  31  31  HOH HOH B . 
E 3 HOH 3  32  32  HOH HOH B . 
E 3 HOH 4  33  33  HOH HOH B . 
E 3 HOH 5  35  35  HOH HOH B . 
E 3 HOH 6  36  36  HOH HOH B . 
E 3 HOH 7  37  37  HOH HOH B . 
E 3 HOH 8  40  40  HOH HOH B . 
E 3 HOH 9  41  41  HOH HOH B . 
E 3 HOH 10 43  43  HOH HOH B . 
E 3 HOH 11 44  44  HOH HOH B . 
E 3 HOH 12 45  45  HOH HOH B . 
E 3 HOH 13 47  47  HOH HOH B . 
E 3 HOH 14 48  48  HOH HOH B . 
E 3 HOH 15 53  53  HOH HOH B . 
E 3 HOH 16 54  54  HOH HOH B . 
E 3 HOH 17 59  59  HOH HOH B . 
E 3 HOH 18 62  62  HOH HOH B . 
E 3 HOH 19 63  63  HOH HOH B . 
E 3 HOH 20 64  64  HOH HOH B . 
E 3 HOH 21 65  65  HOH HOH B . 
E 3 HOH 22 66  66  HOH HOH B . 
E 3 HOH 23 67  67  HOH HOH B . 
E 3 HOH 24 68  68  HOH HOH B . 
E 3 HOH 25 69  69  HOH HOH B . 
E 3 HOH 26 70  70  HOH HOH B . 
E 3 HOH 27 71  71  HOH HOH B . 
E 3 HOH 28 74  74  HOH HOH B . 
E 3 HOH 29 75  75  HOH HOH B . 
E 3 HOH 30 76  76  HOH HOH B . 
E 3 HOH 31 77  77  HOH HOH B . 
E 3 HOH 32 80  80  HOH HOH B . 
E 3 HOH 33 81  81  HOH HOH B . 
E 3 HOH 34 83  83  HOH HOH B . 
E 3 HOH 35 86  86  HOH HOH B . 
E 3 HOH 36 87  87  HOH HOH B . 
E 3 HOH 37 88  88  HOH HOH B . 
E 3 HOH 38 93  93  HOH HOH B . 
E 3 HOH 39 95  95  HOH HOH B . 
E 3 HOH 40 96  96  HOH HOH B . 
E 3 HOH 41 98  98  HOH HOH B . 
E 3 HOH 42 99  99  HOH HOH B . 
# 
_software.name             JACK-LEVITT 
_software.classification   refinement 
_software.version          . 
_software.citation_id      ? 
_software.pdbx_ordinal     1 
# 
_cell.entry_id           6BNA 
_cell.length_a           24.270 
_cell.length_b           39.620 
_cell.length_c           63.570 
_cell.angle_alpha        90.00 
_cell.angle_beta         90.00 
_cell.angle_gamma        90.00 
_cell.Z_PDB              8 
_cell.pdbx_unique_axis   ? 
# 
_symmetry.entry_id                         6BNA 
_symmetry.space_group_name_H-M             'P 21 21 21' 
_symmetry.pdbx_full_space_group_name_H-M   ? 
_symmetry.cell_setting                     ? 
_symmetry.Int_Tables_number                19 
# 
_exptl.entry_id          6BNA 
_exptl.method            'X-RAY DIFFRACTION' 
_exptl.crystals_number   ? 
# 
_exptl_crystal.id                    1 
_exptl_crystal.density_meas          ? 
_exptl_crystal.density_Matthews      2.04 
_exptl_crystal.density_percent_sol   39.76 
_exptl_crystal.description           ? 
# 
_exptl_crystal_grow.crystal_id      1 
_exptl_crystal_grow.method          'VAPOR DIFFUSION' 
_exptl_crystal_grow.temp            277.00 
_exptl_crystal_grow.temp_details    ? 
_exptl_crystal_grow.pH              ? 
_exptl_crystal_grow.pdbx_details    'VAPOR DIFFUSION, temperature 277.00K' 
_exptl_crystal_grow.pdbx_pH_range   ? 
# 
loop_
_exptl_crystal_grow_comp.crystal_id 
_exptl_crystal_grow_comp.id 
_exptl_crystal_grow_comp.sol_id 
_exptl_crystal_grow_comp.name 
_exptl_crystal_grow_comp.volume 
_exptl_crystal_grow_comp.conc 
_exptl_crystal_grow_comp.details 
1 1 1 WATER        ? ? ? 
1 2 1 MPD          ? ? ? 
1 3 1 SPERMINE_HCL ? ? ? 
1 4 1 'MG ACETATE' ? ? ? 
1 5 2 WATER        ? ? ? 
1 6 2 MPD          ? ? ? 
# 
_diffrn.id                     1 
_diffrn.crystal_id             1 
_diffrn.ambient_temp           ? 
_diffrn.ambient_temp_details   ? 
# 
_diffrn_detector.diffrn_id              1 
_diffrn_detector.detector               DIFFRACTOMETER 
_diffrn_detector.type                   ? 
_diffrn_detector.pdbx_collection_date   ? 
_diffrn_detector.details                ? 
# 
_diffrn_radiation.diffrn_id                        1 
_diffrn_radiation.wavelength_id                    1 
_diffrn_radiation.pdbx_monochromatic_or_laue_m_l   ? 
_diffrn_radiation.monochromator                    ? 
_diffrn_radiation.pdbx_diffrn_protocol             ? 
_diffrn_radiation.pdbx_scattering_type             x-ray 
# 
_diffrn_radiation_wavelength.id           1 
_diffrn_radiation_wavelength.wavelength   . 
_diffrn_radiation_wavelength.wt           1.0 
# 
_diffrn_source.diffrn_id                   1 
_diffrn_source.source                      ? 
_diffrn_source.type                        ? 
_diffrn_source.pdbx_synchrotron_site       ? 
_diffrn_source.pdbx_synchrotron_beamline   ? 
_diffrn_source.pdbx_wavelength             ? 
_diffrn_source.pdbx_wavelength_list        ? 
# 
_reflns.entry_id                     6BNA 
_reflns.observed_criterion_sigma_I   ? 
_reflns.observed_criterion_sigma_F   ? 
_reflns.d_resolution_low             ? 
_reflns.d_resolution_high            2.200 
_reflns.number_obs                   3240 
_reflns.number_all                   ? 
_reflns.percent_possible_obs         ? 
_reflns.pdbx_Rmerge_I_obs            ? 
_reflns.pdbx_Rsym_value              ? 
_reflns.pdbx_netI_over_sigmaI        ? 
_reflns.B_iso_Wilson_estimate        ? 
_reflns.pdbx_redundancy              ? 
_reflns.pdbx_diffrn_id               1 
_reflns.pdbx_ordinal                 1 
# 
_refine.entry_id                                 6BNA 
_refine.ls_number_reflns_obs                     2528 
_refine.ls_number_reflns_all                     ? 
_refine.pdbx_ls_sigma_I                          ? 
_refine.pdbx_ls_sigma_F                          2.000 
_refine.pdbx_data_cutoff_high_absF               ? 
_refine.pdbx_data_cutoff_low_absF                ? 
_refine.pdbx_data_cutoff_high_rms_absF           ? 
_refine.ls_d_res_low                             8.000 
_refine.ls_d_res_high                            2.210 
_refine.ls_percent_reflns_obs                    ? 
_refine.ls_R_factor_obs                          0.211 
_refine.ls_R_factor_all                          ? 
_refine.ls_R_factor_R_work                       ? 
_refine.ls_R_factor_R_free                       ? 
_refine.ls_R_factor_R_free_error                 ? 
_refine.ls_R_factor_R_free_error_details         ? 
_refine.ls_percent_reflns_R_free                 ? 
_refine.ls_number_reflns_R_free                  ? 
_refine.ls_number_parameters                     ? 
_refine.ls_number_restraints                     ? 
_refine.occupancy_min                            ? 
_refine.occupancy_max                            ? 
_refine.B_iso_mean                               ? 
_refine.aniso_B[1][1]                            ? 
_refine.aniso_B[2][2]                            ? 
_refine.aniso_B[3][3]                            ? 
_refine.aniso_B[1][2]                            ? 
_refine.aniso_B[1][3]                            ? 
_refine.aniso_B[2][3]                            ? 
_refine.solvent_model_details                    ? 
_refine.solvent_model_param_ksol                 ? 
_refine.solvent_model_param_bsol                 ? 
_refine.pdbx_ls_cross_valid_method               ? 
_refine.details                                  ? 
_refine.pdbx_starting_model                      ? 
_refine.pdbx_method_to_determine_struct          ? 
_refine.pdbx_isotropic_thermal_model             ? 
_refine.pdbx_stereochemistry_target_values       ? 
_refine.pdbx_stereochem_target_val_spec_case     ? 
_refine.pdbx_R_Free_selection_details            ? 
_refine.pdbx_overall_ESU_R                       ? 
_refine.pdbx_overall_ESU_R_Free                  ? 
_refine.overall_SU_ML                            ? 
_refine.overall_SU_B                             ? 
_refine.pdbx_refine_id                           'X-RAY DIFFRACTION' 
_refine.pdbx_diffrn_id                           1 
_refine.pdbx_TLS_residual_ADP_flag               ? 
_refine.correlation_coeff_Fo_to_Fc               ? 
_refine.correlation_coeff_Fo_to_Fc_free          ? 
_refine.pdbx_solvent_vdw_probe_radii             ? 
_refine.pdbx_solvent_ion_probe_radii             ? 
_refine.pdbx_solvent_shrinkage_radii             ? 
_refine.pdbx_overall_phase_error                 ? 
_refine.overall_SU_R_Cruickshank_DPI             ? 
_refine.pdbx_overall_SU_R_free_Cruickshank_DPI   ? 
_refine.pdbx_overall_SU_R_Blow_DPI               ? 
_refine.pdbx_overall_SU_R_free_Blow_DPI          ? 
# 
_refine_hist.pdbx_refine_id                   'X-RAY DIFFRACTION' 
_refine_hist.cycle_id                         LAST 
_refine_hist.pdbx_number_atoms_protein        0 
_refine_hist.pdbx_number_atoms_nucleic_acid   486 
_refine_hist.pdbx_number_atoms_ligand         33 
_refine_hist.number_atoms_solvent             75 
_refine_hist.number_atoms_total               594 
_refine_hist.d_res_high                       2.210 
_refine_hist.d_res_low                        8.000 
# 
_struct.entry_id                  6BNA 
_struct.title                     'BINDING OF AN ANTITUMOR DRUG TO DNA. NETROPSIN AND C-G-C-G-A-A-T-T-BRC-G-C-G' 
_struct.pdbx_model_details        ? 
_struct.pdbx_CASP_flag            ? 
_struct.pdbx_model_type_details   ? 
# 
_struct_keywords.entry_id        6BNA 
_struct_keywords.pdbx_keywords   DNA 
_struct_keywords.text            'B-DNA, DOUBLE HELIX, COMPLEXED WITH DRUG, MODIFIED, DNA' 
# 
loop_
_struct_asym.id 
_struct_asym.pdbx_blank_PDB_chainid_flag 
_struct_asym.pdbx_modified 
_struct_asym.entity_id 
_struct_asym.details 
A N N 1 ? 
B N N 1 ? 
C N N 2 ? 
D N N 3 ? 
E N N 3 ? 
# 
_struct_ref.id                         1 
_struct_ref.entity_id                  1 
_struct_ref.db_name                    PDB 
_struct_ref.db_code                    6BNA 
_struct_ref.pdbx_db_accession          6BNA 
_struct_ref.pdbx_db_isoform            ? 
_struct_ref.pdbx_seq_one_letter_code   ? 
_struct_ref.pdbx_align_begin           ? 
# 
loop_
_struct_ref_seq.align_id 
_struct_ref_seq.ref_id 
_struct_ref_seq.pdbx_PDB_id_code 
_struct_ref_seq.pdbx_strand_id 
_struct_ref_seq.seq_align_beg 
_struct_ref_seq.pdbx_seq_align_beg_ins_code 
_struct_ref_seq.seq_align_end 
_struct_ref_seq.pdbx_seq_align_end_ins_code 
_struct_ref_seq.pdbx_db_accession 
_struct_ref_seq.db_align_beg 
_struct_ref_seq.pdbx_db_align_beg_ins_code 
_struct_ref_seq.db_align_end 
_struct_ref_seq.pdbx_db_align_end_ins_code 
_struct_ref_seq.pdbx_auth_seq_align_beg 
_struct_ref_seq.pdbx_auth_seq_align_end 
1 1 6BNA A 1 ? 12 ? 6BNA 1  ? 12 ? 1  12 
2 1 6BNA B 1 ? 12 ? 6BNA 13 ? 24 ? 13 24 
# 
_pdbx_struct_assembly.id                   1 
_pdbx_struct_assembly.details              author_defined_assembly 
_pdbx_struct_assembly.method_details       ? 
_pdbx_struct_assembly.oligomeric_details   dimeric 
_pdbx_struct_assembly.oligomeric_count     2 
# 
_pdbx_struct_assembly_gen.assembly_id       1 
_pdbx_struct_assembly_gen.oper_expression   1 
_pdbx_struct_assembly_gen.asym_id_list      A,B,C,D,E 
# 
_pdbx_struct_oper_list.id                   1 
_pdbx_struct_oper_list.type                 'identity operation' 
_pdbx_struct_oper_list.name                 1_555 
_pdbx_struct_oper_list.symmetry_operation   x,y,z 
_pdbx_struct_oper_list.matrix[1][1]         1.0000000000 
_pdbx_struct_oper_list.matrix[1][2]         0.0000000000 
_pdbx_struct_oper_list.matrix[1][3]         0.0000000000 
_pdbx_struct_oper_list.vector[1]            0.0000000000 
_pdbx_struct_oper_list.matrix[2][1]         0.0000000000 
_pdbx_struct_oper_list.matrix[2][2]         1.0000000000 
_pdbx_struct_oper_list.matrix[2][3]         0.0000000000 
_pdbx_struct_oper_list.vector[2]            0.0000000000 
_pdbx_struct_oper_list.matrix[3][1]         0.0000000000 
_pdbx_struct_oper_list.matrix[3][2]         0.0000000000 
_pdbx_struct_oper_list.matrix[3][3]         1.0000000000 
_pdbx_struct_oper_list.vector[3]            0.0000000000 
# 
_struct_biol.id   1 
# 
loop_
_struct_conn.id 
_struct_conn.conn_type_id 
_struct_conn.pdbx_leaving_atom_flag 
_struct_conn.pdbx_PDB_id 
_struct_conn.ptnr1_label_asym_id 
_struct_conn.ptnr1_label_comp_id 
_struct_conn.ptnr1_label_seq_id 
_struct_conn.ptnr1_label_atom_id 
_struct_conn.pdbx_ptnr1_label_alt_id 
_struct_conn.pdbx_ptnr1_PDB_ins_code 
_struct_conn.pdbx_ptnr1_standard_comp_id 
_struct_conn.ptnr1_symmetry 
_struct_conn.ptnr2_label_asym_id 
_struct_conn.ptnr2_label_comp_id 
_struct_conn.ptnr2_label_seq_id 
_struct_conn.ptnr2_label_atom_id 
_struct_conn.pdbx_ptnr2_label_alt_id 
_struct_conn.pdbx_ptnr2_PDB_ins_code 
_struct_conn.ptnr1_auth_asym_id 
_struct_conn.ptnr1_auth_comp_id 
_struct_conn.ptnr1_auth_seq_id 
_struct_conn.ptnr2_auth_asym_id 
_struct_conn.ptnr2_auth_comp_id 
_struct_conn.ptnr2_auth_seq_id 
_struct_conn.ptnr2_symmetry 
_struct_conn.pdbx_ptnr3_label_atom_id 
_struct_conn.pdbx_ptnr3_label_seq_id 
_struct_conn.pdbx_ptnr3_label_comp_id 
_struct_conn.pdbx_ptnr3_label_asym_id 
_struct_conn.pdbx_ptnr3_label_alt_id 
_struct_conn.pdbx_ptnr3_PDB_ins_code 
_struct_conn.details 
_struct_conn.pdbx_dist_value 
_struct_conn.pdbx_value_order 
_struct_conn.pdbx_role 
covale1  covale both ? A DT  8  "O3'" ? ? ? 1_555 A CBR 9  P  ? ? A DT  8  A CBR 9  1_555 ? ? ? ? ? ? ?            1.589 ? ? 
covale2  covale both ? A CBR 9  "O3'" ? ? ? 1_555 A DG  10 P  ? ? A CBR 9  A DG  10 1_555 ? ? ? ? ? ? ?            1.609 ? ? 
covale3  covale both ? B DT  8  "O3'" ? ? ? 1_555 B CBR 9  P  ? ? B DT  20 B CBR 21 1_555 ? ? ? ? ? ? ?            1.587 ? ? 
covale4  covale both ? B CBR 9  "O3'" ? ? ? 1_555 B DG  10 P  ? ? B CBR 21 B DG  22 1_555 ? ? ? ? ? ? ?            1.646 ? ? 
hydrog1  hydrog ?    ? A DC  1  N3    ? ? ? 1_555 B DG  12 N1 ? ? A DC  1  B DG  24 1_555 ? ? ? ? ? ? WATSON-CRICK ?     ? ? 
hydrog2  hydrog ?    ? A DC  1  N4    ? ? ? 1_555 B DG  12 O6 ? ? A DC  1  B DG  24 1_555 ? ? ? ? ? ? WATSON-CRICK ?     ? ? 
hydrog3  hydrog ?    ? A DC  1  O2    ? ? ? 1_555 B DG  12 N2 ? ? A DC  1  B DG  24 1_555 ? ? ? ? ? ? WATSON-CRICK ?     ? ? 
hydrog4  hydrog ?    ? A DG  2  N1    ? ? ? 1_555 B DC  11 N3 ? ? A DG  2  B DC  23 1_555 ? ? ? ? ? ? WATSON-CRICK ?     ? ? 
hydrog5  hydrog ?    ? A DG  2  N2    ? ? ? 1_555 B DC  11 O2 ? ? A DG  2  B DC  23 1_555 ? ? ? ? ? ? WATSON-CRICK ?     ? ? 
hydrog6  hydrog ?    ? A DG  2  O6    ? ? ? 1_555 B DC  11 N4 ? ? A DG  2  B DC  23 1_555 ? ? ? ? ? ? WATSON-CRICK ?     ? ? 
hydrog7  hydrog ?    ? A DC  3  N3    ? ? ? 1_555 B DG  10 N1 ? ? A DC  3  B DG  22 1_555 ? ? ? ? ? ? WATSON-CRICK ?     ? ? 
hydrog8  hydrog ?    ? A DC  3  N4    ? ? ? 1_555 B DG  10 O6 ? ? A DC  3  B DG  22 1_555 ? ? ? ? ? ? WATSON-CRICK ?     ? ? 
hydrog9  hydrog ?    ? A DC  3  O2    ? ? ? 1_555 B DG  10 N2 ? ? A DC  3  B DG  22 1_555 ? ? ? ? ? ? WATSON-CRICK ?     ? ? 
hydrog10 hydrog ?    ? A DG  4  N1    ? ? ? 1_555 B CBR 9  N3 ? ? A DG  4  B CBR 21 1_555 ? ? ? ? ? ? WATSON-CRICK ?     ? ? 
hydrog11 hydrog ?    ? A DG  4  N2    ? ? ? 1_555 B CBR 9  O2 ? ? A DG  4  B CBR 21 1_555 ? ? ? ? ? ? WATSON-CRICK ?     ? ? 
hydrog12 hydrog ?    ? A DG  4  O6    ? ? ? 1_555 B CBR 9  N4 ? ? A DG  4  B CBR 21 1_555 ? ? ? ? ? ? WATSON-CRICK ?     ? ? 
hydrog13 hydrog ?    ? A DA  5  N1    ? ? ? 1_555 B DT  8  N3 ? ? A DA  5  B DT  20 1_555 ? ? ? ? ? ? WATSON-CRICK ?     ? ? 
hydrog14 hydrog ?    ? A DA  5  N6    ? ? ? 1_555 B DT  8  O4 ? ? A DA  5  B DT  20 1_555 ? ? ? ? ? ? WATSON-CRICK ?     ? ? 
hydrog15 hydrog ?    ? A DA  6  N1    ? ? ? 1_555 B DT  7  N3 ? ? A DA  6  B DT  19 1_555 ? ? ? ? ? ? WATSON-CRICK ?     ? ? 
hydrog16 hydrog ?    ? A DA  6  N6    ? ? ? 1_555 B DT  7  O4 ? ? A DA  6  B DT  19 1_555 ? ? ? ? ? ? WATSON-CRICK ?     ? ? 
hydrog17 hydrog ?    ? A DT  7  N3    ? ? ? 1_555 B DA  6  N1 ? ? A DT  7  B DA  18 1_555 ? ? ? ? ? ? WATSON-CRICK ?     ? ? 
hydrog18 hydrog ?    ? A DT  7  O4    ? ? ? 1_555 B DA  6  N6 ? ? A DT  7  B DA  18 1_555 ? ? ? ? ? ? WATSON-CRICK ?     ? ? 
hydrog19 hydrog ?    ? A DT  8  N3    ? ? ? 1_555 B DA  5  N1 ? ? A DT  8  B DA  17 1_555 ? ? ? ? ? ? WATSON-CRICK ?     ? ? 
hydrog20 hydrog ?    ? A DT  8  O4    ? ? ? 1_555 B DA  5  N6 ? ? A DT  8  B DA  17 1_555 ? ? ? ? ? ? WATSON-CRICK ?     ? ? 
hydrog21 hydrog ?    ? A CBR 9  N3    ? ? ? 1_555 B DG  4  N1 ? ? A CBR 9  B DG  16 1_555 ? ? ? ? ? ? WATSON-CRICK ?     ? ? 
hydrog22 hydrog ?    ? A CBR 9  N4    ? ? ? 1_555 B DG  4  O6 ? ? A CBR 9  B DG  16 1_555 ? ? ? ? ? ? WATSON-CRICK ?     ? ? 
hydrog23 hydrog ?    ? A CBR 9  O2    ? ? ? 1_555 B DG  4  N2 ? ? A CBR 9  B DG  16 1_555 ? ? ? ? ? ? WATSON-CRICK ?     ? ? 
hydrog24 hydrog ?    ? A DG  10 N1    ? ? ? 1_555 B DC  3  N3 ? ? A DG  10 B DC  15 1_555 ? ? ? ? ? ? WATSON-CRICK ?     ? ? 
hydrog25 hydrog ?    ? A DG  10 N2    ? ? ? 1_555 B DC  3  O2 ? ? A DG  10 B DC  15 1_555 ? ? ? ? ? ? WATSON-CRICK ?     ? ? 
hydrog26 hydrog ?    ? A DG  10 O6    ? ? ? 1_555 B DC  3  N4 ? ? A DG  10 B DC  15 1_555 ? ? ? ? ? ? WATSON-CRICK ?     ? ? 
hydrog27 hydrog ?    ? A DC  11 N3    ? ? ? 1_555 B DG  2  N1 ? ? A DC  11 B DG  14 1_555 ? ? ? ? ? ? WATSON-CRICK ?     ? ? 
hydrog28 hydrog ?    ? A DC  11 N4    ? ? ? 1_555 B DG  2  O6 ? ? A DC  11 B DG  14 1_555 ? ? ? ? ? ? WATSON-CRICK ?     ? ? 
hydrog29 hydrog ?    ? A DC  11 O2    ? ? ? 1_555 B DG  2  N2 ? ? A DC  11 B DG  14 1_555 ? ? ? ? ? ? WATSON-CRICK ?     ? ? 
hydrog30 hydrog ?    ? A DG  12 N1    ? ? ? 1_555 B DC  1  N3 ? ? A DG  12 B DC  13 1_555 ? ? ? ? ? ? WATSON-CRICK ?     ? ? 
hydrog31 hydrog ?    ? A DG  12 N2    ? ? ? 1_555 B DC  1  O2 ? ? A DG  12 B DC  13 1_555 ? ? ? ? ? ? WATSON-CRICK ?     ? ? 
hydrog32 hydrog ?    ? A DG  12 O6    ? ? ? 1_555 B DC  1  N4 ? ? A DG  12 B DC  13 1_555 ? ? ? ? ? ? WATSON-CRICK ?     ? ? 
# 
loop_
_struct_conn_type.id 
_struct_conn_type.criteria 
_struct_conn_type.reference 
covale ? ? 
hydrog ? ? 
# 
loop_
_struct_site.id 
_struct_site.pdbx_evidence_code 
_struct_site.pdbx_auth_asym_id 
_struct_site.pdbx_auth_comp_id 
_struct_site.pdbx_auth_seq_id 
_struct_site.pdbx_auth_ins_code 
_struct_site.pdbx_num_residues 
_struct_site.details 
AC1 Software B NT 25 ? 11 'BINDING SITE FOR RESIDUE NT B 25' 
1   ?        ? ?  ?  ? ?  ?                                  
# 
loop_
_struct_site_gen.id 
_struct_site_gen.site_id 
_struct_site_gen.pdbx_num_res 
_struct_site_gen.label_comp_id 
_struct_site_gen.label_asym_id 
_struct_site_gen.label_seq_id 
_struct_site_gen.pdbx_auth_ins_code 
_struct_site_gen.auth_comp_id 
_struct_site_gen.auth_asym_id 
_struct_site_gen.auth_seq_id 
_struct_site_gen.label_atom_id 
_struct_site_gen.label_alt_id 
_struct_site_gen.symmetry 
_struct_site_gen.details 
1  AC1 11 DA  A 5  ? DA  A 5  . ? 1_555 ? 
2  AC1 11 DA  A 6  ? DA  A 6  . ? 1_555 ? 
3  AC1 11 DT  A 7  ? DT  A 7  . ? 1_555 ? 
4  AC1 11 DT  A 8  ? DT  A 8  . ? 1_555 ? 
5  AC1 11 CBR A 9  ? CBR A 9  . ? 1_555 ? 
6  AC1 11 DA  B 5  ? DA  B 17 . ? 1_555 ? 
7  AC1 11 DA  B 6  ? DA  B 18 . ? 1_555 ? 
8  AC1 11 DT  B 8  ? DT  B 20 . ? 1_555 ? 
9  AC1 11 CBR B 9  ? CBR B 21 . ? 1_555 ? 
10 AC1 11 DG  B 10 ? DG  B 22 . ? 1_555 ? 
11 AC1 11 HOH E .  ? HOH B 66 . ? 1_555 ? 
# 
loop_
_pdbx_validate_rmsd_bond.id 
_pdbx_validate_rmsd_bond.PDB_model_num 
_pdbx_validate_rmsd_bond.auth_atom_id_1 
_pdbx_validate_rmsd_bond.auth_asym_id_1 
_pdbx_validate_rmsd_bond.auth_comp_id_1 
_pdbx_validate_rmsd_bond.auth_seq_id_1 
_pdbx_validate_rmsd_bond.PDB_ins_code_1 
_pdbx_validate_rmsd_bond.label_alt_id_1 
_pdbx_validate_rmsd_bond.auth_atom_id_2 
_pdbx_validate_rmsd_bond.auth_asym_id_2 
_pdbx_validate_rmsd_bond.auth_comp_id_2 
_pdbx_validate_rmsd_bond.auth_seq_id_2 
_pdbx_validate_rmsd_bond.PDB_ins_code_2 
_pdbx_validate_rmsd_bond.label_alt_id_2 
_pdbx_validate_rmsd_bond.bond_value 
_pdbx_validate_rmsd_bond.bond_target_value 
_pdbx_validate_rmsd_bond.bond_deviation 
_pdbx_validate_rmsd_bond.bond_standard_deviation 
_pdbx_validate_rmsd_bond.linker_flag 
1  1 "C4'" A DC 1  ? ? "C3'" A DC 1  ? ? 1.418 1.521 -0.103 0.010 N 
2  1 "O3'" A DC 1  ? ? "C3'" A DC 1  ? ? 1.352 1.419 -0.067 0.006 N 
3  1 C5    A DC 1  ? ? C6    A DC 1  ? ? 1.398 1.339 0.059  0.008 N 
4  1 "O3'" A DC 1  ? ? P     A DG 2  ? ? 1.532 1.607 -0.075 0.012 Y 
5  1 N3    A DG 2  ? ? C4    A DG 2  ? ? 1.401 1.350 0.051  0.007 N 
6  1 C5    A DG 2  ? ? N7    A DG 2  ? ? 1.316 1.388 -0.072 0.006 N 
7  1 P     A DC 3  ? ? "O5'" A DC 3  ? ? 1.660 1.593 0.067  0.010 N 
8  1 N1    A DC 3  ? ? C2    A DC 3  ? ? 1.336 1.397 -0.061 0.010 N 
9  1 "O4'" A DG 4  ? ? "C4'" A DG 4  ? ? 1.359 1.446 -0.087 0.010 N 
10 1 N9    A DG 4  ? ? C4    A DG 4  ? ? 1.324 1.375 -0.051 0.008 N 
11 1 "O3'" A DA 5  ? ? "C3'" A DA 5  ? ? 1.362 1.419 -0.057 0.006 N 
12 1 C5    A DA 5  ? ? N7    A DA 5  ? ? 1.317 1.388 -0.071 0.006 N 
13 1 "C4'" A DA 6  ? ? "C3'" A DA 6  ? ? 1.404 1.521 -0.117 0.010 N 
14 1 "C2'" A DA 6  ? ? "C1'" A DA 6  ? ? 1.431 1.518 -0.087 0.010 N 
15 1 C5    A DA 6  ? ? C6    A DA 6  ? ? 1.477 1.406 0.071  0.009 N 
16 1 C5    A DA 6  ? ? N7    A DA 6  ? ? 1.351 1.388 -0.037 0.006 N 
17 1 C6    A DA 6  ? ? N6    A DA 6  ? ? 1.394 1.335 0.059  0.008 N 
18 1 "O3'" A DA 6  ? ? P     A DT 7  ? ? 1.486 1.607 -0.121 0.012 Y 
19 1 P     A DT 7  ? ? "O5'" A DT 7  ? ? 1.500 1.593 -0.093 0.010 N 
20 1 "O4'" A DT 7  ? ? "C4'" A DT 7  ? ? 1.340 1.446 -0.106 0.010 N 
21 1 "O3'" A DT 7  ? ? "C3'" A DT 7  ? ? 1.374 1.419 -0.045 0.006 N 
22 1 C5    A DT 7  ? ? C6    A DT 7  ? ? 1.405 1.339 0.066  0.007 N 
23 1 P     A DT 8  ? ? OP2   A DT 8  ? ? 1.292 1.485 -0.193 0.017 N 
24 1 "O4'" A DT 8  ? ? "C4'" A DT 8  ? ? 1.380 1.446 -0.066 0.010 N 
25 1 C5    A DT 8  ? ? C6    A DT 8  ? ? 1.407 1.339 0.068  0.007 N 
26 1 N3    A DG 10 ? ? C4    A DG 10 ? ? 1.412 1.350 0.062  0.007 N 
27 1 C5    A DG 10 ? ? N7    A DG 10 ? ? 1.335 1.388 -0.053 0.006 N 
28 1 C5    A DC 11 ? ? C6    A DC 11 ? ? 1.405 1.339 0.066  0.008 N 
29 1 C5    A DG 12 ? ? N7    A DG 12 ? ? 1.349 1.388 -0.039 0.006 N 
30 1 N9    A DG 12 ? ? C4    A DG 12 ? ? 1.320 1.375 -0.055 0.008 N 
31 1 C5    B DC 13 ? ? C6    B DC 13 ? ? 1.399 1.339 0.060  0.008 N 
32 1 P     B DC 15 ? ? OP1   B DC 15 ? ? 1.342 1.485 -0.143 0.017 N 
33 1 N3    B DG 16 ? ? C4    B DG 16 ? ? 1.394 1.350 0.044  0.007 N 
34 1 C5    B DG 16 ? ? N7    B DG 16 ? ? 1.347 1.388 -0.041 0.006 N 
35 1 N3    B DA 17 ? ? C4    B DA 17 ? ? 1.395 1.344 0.051  0.006 N 
36 1 C5    B DA 17 ? ? N7    B DA 17 ? ? 1.325 1.388 -0.063 0.006 N 
37 1 N3    B DA 18 ? ? C4    B DA 18 ? ? 1.383 1.344 0.039  0.006 N 
38 1 C5    B DT 19 ? ? C6    B DT 19 ? ? 1.401 1.339 0.062  0.007 N 
39 1 C5    B DT 20 ? ? C6    B DT 20 ? ? 1.398 1.339 0.059  0.007 N 
40 1 "O3'" B DG 22 ? ? "C3'" B DG 22 ? ? 1.351 1.419 -0.068 0.006 N 
41 1 C5    B DG 22 ? ? N7    B DG 22 ? ? 1.339 1.388 -0.049 0.006 N 
42 1 N7    B DG 22 ? ? C8    B DG 22 ? ? 1.350 1.305 0.045  0.006 N 
43 1 "O3'" B DG 22 ? ? P     B DC 23 ? ? 1.535 1.607 -0.072 0.012 Y 
44 1 "O4'" B DC 23 ? ? "C4'" B DC 23 ? ? 1.362 1.446 -0.084 0.010 N 
45 1 C5    B DC 23 ? ? C6    B DC 23 ? ? 1.390 1.339 0.051  0.008 N 
46 1 C5    B DG 24 ? ? N7    B DG 24 ? ? 1.347 1.388 -0.041 0.006 N 
47 1 N7    B DG 24 ? ? C8    B DG 24 ? ? 1.363 1.305 0.058  0.006 N 
# 
loop_
_pdbx_validate_rmsd_angle.id 
_pdbx_validate_rmsd_angle.PDB_model_num 
_pdbx_validate_rmsd_angle.auth_atom_id_1 
_pdbx_validate_rmsd_angle.auth_asym_id_1 
_pdbx_validate_rmsd_angle.auth_comp_id_1 
_pdbx_validate_rmsd_angle.auth_seq_id_1 
_pdbx_validate_rmsd_angle.PDB_ins_code_1 
_pdbx_validate_rmsd_angle.label_alt_id_1 
_pdbx_validate_rmsd_angle.auth_atom_id_2 
_pdbx_validate_rmsd_angle.auth_asym_id_2 
_pdbx_validate_rmsd_angle.auth_comp_id_2 
_pdbx_validate_rmsd_angle.auth_seq_id_2 
_pdbx_validate_rmsd_angle.PDB_ins_code_2 
_pdbx_validate_rmsd_angle.label_alt_id_2 
_pdbx_validate_rmsd_angle.auth_atom_id_3 
_pdbx_validate_rmsd_angle.auth_asym_id_3 
_pdbx_validate_rmsd_angle.auth_comp_id_3 
_pdbx_validate_rmsd_angle.auth_seq_id_3 
_pdbx_validate_rmsd_angle.PDB_ins_code_3 
_pdbx_validate_rmsd_angle.label_alt_id_3 
_pdbx_validate_rmsd_angle.angle_value 
_pdbx_validate_rmsd_angle.angle_target_value 
_pdbx_validate_rmsd_angle.angle_deviation 
_pdbx_validate_rmsd_angle.angle_standard_deviation 
_pdbx_validate_rmsd_angle.linker_flag 
1  1 "C5'" A DC 1  ? ? "C4'" A DC  1  ? ? "O4'" A DC  1  ? ? 122.42 109.80 12.62  1.10 N 
2  1 "C4'" A DC 1  ? ? "C3'" A DC  1  ? ? "C2'" A DC  1  ? ? 110.27 103.10 7.17   0.90 N 
3  1 "O4'" A DC 1  ? ? "C1'" A DC  1  ? ? N1    A DC  1  ? ? 113.08 108.30 4.78   0.30 N 
4  1 "O5'" A DG 2  ? ? "C5'" A DG  2  ? ? "C4'" A DG  2  ? ? 99.35  109.40 -10.05 0.80 N 
5  1 C2    A DG 2  ? ? N3    A DG  2  ? ? C4    A DG  2  ? ? 115.69 111.90 3.79   0.50 N 
6  1 N3    A DG 2  ? ? C4    A DG  2  ? ? C5    A DG  2  ? ? 124.18 128.60 -4.42  0.50 N 
7  1 N3    A DG 2  ? ? C4    A DG  2  ? ? N9    A DG  2  ? ? 130.42 126.00 4.42   0.60 N 
8  1 "C1'" A DC 3  ? ? "O4'" A DC  3  ? ? "C4'" A DC  3  ? ? 102.64 110.10 -7.46  1.00 N 
9  1 "O4'" A DC 3  ? ? "C1'" A DC  3  ? ? "C2'" A DC  3  ? ? 110.99 106.80 4.19   0.50 N 
10 1 C2    A DC 3  ? ? N3    A DC  3  ? ? C4    A DC  3  ? ? 123.49 119.90 3.59   0.50 N 
11 1 N9    A DG 4  ? ? C4    A DG  4  ? ? C5    A DG  4  ? ? 108.70 105.40 3.30   0.40 N 
12 1 "C3'" A DG 4  ? ? "O3'" A DG  4  ? ? P     A DA  5  ? ? 127.21 119.70 7.51   1.20 Y 
13 1 "O4'" A DA 5  ? ? "C1'" A DA  5  ? ? N9    A DA  5  ? ? 110.32 108.30 2.02   0.30 N 
14 1 C2    A DA 5  ? ? N3    A DA  5  ? ? C4    A DA  5  ? ? 113.91 110.60 3.31   0.50 N 
15 1 C8    A DA 5  ? ? N9    A DA  5  ? ? C4    A DA  5  ? ? 101.97 105.80 -3.83  0.40 N 
16 1 N9    A DA 5  ? ? C4    A DA  5  ? ? C5    A DA  5  ? ? 108.69 105.80 2.89   0.40 N 
17 1 "C5'" A DA 6  ? ? "C4'" A DA  6  ? ? "O4'" A DA  6  ? ? 119.88 109.80 10.08  1.10 N 
18 1 "C1'" A DA 6  ? ? "O4'" A DA  6  ? ? "C4'" A DA  6  ? ? 115.57 110.30 5.27   0.70 N 
19 1 "O4'" A DA 6  ? ? "C1'" A DA  6  ? ? "C2'" A DA  6  ? ? 99.17  105.90 -6.73  0.80 N 
20 1 "O5'" A DT 7  ? ? "C5'" A DT  7  ? ? "C4'" A DT  7  ? ? 98.68  109.40 -10.72 0.80 N 
21 1 C2    A DT 7  ? ? N3    A DT  7  ? ? C4    A DT  7  ? ? 122.80 127.20 -4.40  0.60 N 
22 1 C5    A DT 7  ? ? C6    A DT  7  ? ? N1    A DT  7  ? ? 119.28 123.70 -4.42  0.60 N 
23 1 N3    A DT 7  ? ? C4    A DT  7  ? ? O4    A DT  7  ? ? 114.59 119.90 -5.31  0.60 N 
24 1 C4    A DT 7  ? ? C5    A DT  7  ? ? C7    A DT  7  ? ? 124.37 119.00 5.37   0.60 N 
25 1 C6    A DT 7  ? ? C5    A DT  7  ? ? C7    A DT  7  ? ? 116.17 122.90 -6.73  0.60 N 
26 1 "C3'" A DT 7  ? ? "O3'" A DT  7  ? ? P     A DT  8  ? ? 128.92 119.70 9.22   1.20 Y 
27 1 N3    A DT 8  ? ? C4    A DT  8  ? ? C5    A DT  8  ? ? 119.24 115.20 4.04   0.60 N 
28 1 N3    A DT 8  ? ? C4    A DT  8  ? ? O4    A DT  8  ? ? 116.25 119.90 -3.65  0.60 N 
29 1 C4    A DT 8  ? ? C5    A DT  8  ? ? C7    A DT  8  ? ? 124.71 119.00 5.71   0.60 N 
30 1 C6    A DT 8  ? ? C5    A DT  8  ? ? C7    A DT  8  ? ? 116.93 122.90 -5.97  0.60 N 
31 1 "O5'" A DG 10 ? ? P     A DG  10 ? ? OP2   A DG  10 ? ? 99.12  105.70 -6.58  0.90 N 
32 1 "O5'" A DG 10 ? ? "C5'" A DG  10 ? ? "C4'" A DG  10 ? ? 103.76 109.40 -5.64  0.80 N 
33 1 "C5'" A DC 11 ? ? "C4'" A DC  11 ? ? "C3'" A DC  11 ? ? 123.90 115.70 8.20   1.20 N 
34 1 "C4'" A DC 11 ? ? "C3'" A DC  11 ? ? "C2'" A DC  11 ? ? 96.52  102.20 -5.68  0.70 N 
35 1 "O4'" A DC 11 ? ? "C1'" A DC  11 ? ? N1    A DC  11 ? ? 114.07 108.30 5.77   0.30 N 
36 1 "O5'" A DG 12 ? ? "C5'" A DG  12 ? ? "C4'" A DG  12 ? ? 98.55  109.40 -10.85 0.80 N 
37 1 "O4'" A DG 12 ? ? "C1'" A DG  12 ? ? N9    A DG  12 ? ? 101.34 108.00 -6.66  0.70 N 
38 1 C2    A DG 12 ? ? N3    A DG  12 ? ? C4    A DG  12 ? ? 115.99 111.90 4.09   0.50 N 
39 1 C5    A DG 12 ? ? C6    A DG  12 ? ? N1    A DG  12 ? ? 114.56 111.50 3.06   0.50 N 
40 1 "O4'" B DC 13 ? ? "C4'" B DC  13 ? ? "C3'" B DC  13 ? ? 110.06 106.00 4.06   0.60 N 
41 1 "O4'" B DC 13 ? ? "C1'" B DC  13 ? ? N1    B DC  13 ? ? 111.09 108.30 2.79   0.30 N 
42 1 C6    B DC 13 ? ? N1    B DC  13 ? ? C2    B DC  13 ? ? 123.99 120.30 3.69   0.40 N 
43 1 "O4'" B DG 14 ? ? "C4'" B DG  14 ? ? "C3'" B DG  14 ? ? 109.77 106.00 3.77   0.60 N 
44 1 N1    B DG 14 ? ? C2    B DG  14 ? ? N3    B DG  14 ? ? 119.79 123.90 -4.11  0.60 N 
45 1 C2    B DG 14 ? ? N3    B DG  14 ? ? C4    B DG  14 ? ? 117.17 111.90 5.27   0.50 N 
46 1 N3    B DG 14 ? ? C4    B DG  14 ? ? C5    B DG  14 ? ? 125.59 128.60 -3.01  0.50 N 
47 1 C5    B DG 14 ? ? C6    B DG  14 ? ? N1    B DG  14 ? ? 114.64 111.50 3.14   0.50 N 
48 1 C8    B DG 14 ? ? N9    B DG  14 ? ? C4    B DG  14 ? ? 104.00 106.40 -2.40  0.40 N 
49 1 N1    B DG 14 ? ? C6    B DG  14 ? ? O6    B DG  14 ? ? 115.56 119.90 -4.34  0.60 N 
50 1 "O5'" B DC 15 ? ? P     B DC  15 ? ? OP2   B DC  15 ? ? 95.52  105.70 -10.18 0.90 N 
51 1 "O4'" B DC 15 ? ? "C1'" B DC  15 ? ? N1    B DC  15 ? ? 116.68 108.30 8.38   0.30 N 
52 1 "O5'" B DG 16 ? ? "C5'" B DG  16 ? ? "C4'" B DG  16 ? ? 103.93 109.40 -5.47  0.80 N 
53 1 "O4'" B DG 16 ? ? "C4'" B DG  16 ? ? "C3'" B DG  16 ? ? 110.23 106.00 4.23   0.60 N 
54 1 "O4'" B DG 16 ? ? "C1'" B DG  16 ? ? "C2'" B DG  16 ? ? 110.35 106.80 3.55   0.50 N 
55 1 "O4'" B DA 17 ? ? "C1'" B DA  17 ? ? N9    B DA  17 ? ? 112.29 108.30 3.99   0.30 N 
56 1 C6    B DA 17 ? ? N1    B DA  17 ? ? C2    B DA  17 ? ? 122.49 118.60 3.89   0.60 N 
57 1 C6    B DA 18 ? ? N1    B DA  18 ? ? C2    B DA  18 ? ? 122.43 118.60 3.83   0.60 N 
58 1 N1    B DA 18 ? ? C2    B DA  18 ? ? N3    B DA  18 ? ? 124.44 129.30 -4.86  0.50 N 
59 1 C2    B DA 18 ? ? N3    B DA  18 ? ? C4    B DA  18 ? ? 113.69 110.60 3.09   0.50 N 
60 1 C5    B DA 18 ? ? N7    B DA  18 ? ? C8    B DA  18 ? ? 100.80 103.90 -3.10  0.50 N 
61 1 "O4'" B DT 19 ? ? "C1'" B DT  19 ? ? N1    B DT  19 ? ? 110.49 108.30 2.19   0.30 N 
62 1 N1    B DT 19 ? ? C2    B DT  19 ? ? N3    B DT  19 ? ? 118.42 114.60 3.82   0.60 N 
63 1 N3    B DT 19 ? ? C2    B DT  19 ? ? O2    B DT  19 ? ? 118.18 122.30 -4.12  0.60 N 
64 1 C4    B DT 19 ? ? C5    B DT  19 ? ? C7    B DT  19 ? ? 122.83 119.00 3.83   0.60 N 
65 1 C6    B DT 19 ? ? C5    B DT  19 ? ? C7    B DT  19 ? ? 118.79 122.90 -4.11  0.60 N 
66 1 "O4'" B DT 20 ? ? "C4'" B DT  20 ? ? "C3'" B DT  20 ? ? 100.49 104.50 -4.01  0.40 N 
67 1 "O4'" B DT 20 ? ? "C1'" B DT  20 ? ? "C2'" B DT  20 ? ? 99.26  105.90 -6.64  0.80 N 
68 1 C2    B DT 20 ? ? N3    B DT  20 ? ? C4    B DT  20 ? ? 123.32 127.20 -3.88  0.60 N 
69 1 "O3'" B DT 20 ? ? P     B CBR 21 ? ? OP2   B CBR 21 ? ? 117.17 110.50 6.67   1.10 Y 
70 1 "O4'" B DG 22 ? ? "C4'" B DG  22 ? ? "C3'" B DG  22 ? ? 101.91 104.50 -2.59  0.40 N 
71 1 "O4'" B DG 22 ? ? "C1'" B DG  22 ? ? N9    B DG  22 ? ? 110.98 108.30 2.68   0.30 N 
72 1 "O5'" B DC 23 ? ? "C5'" B DC  23 ? ? "C4'" B DC  23 ? ? 101.99 109.40 -7.41  0.80 N 
73 1 "C5'" B DC 23 ? ? "C4'" B DC  23 ? ? "C3'" B DC  23 ? ? 123.18 115.70 7.48   1.20 N 
74 1 C2    B DC 23 ? ? N3    B DC  23 ? ? C4    B DC  23 ? ? 123.08 119.90 3.18   0.50 N 
75 1 N1    B DG 24 ? ? C2    B DG  24 ? ? N3    B DG  24 ? ? 119.34 123.90 -4.56  0.60 N 
76 1 C2    B DG 24 ? ? N3    B DG  24 ? ? C4    B DG  24 ? ? 116.96 111.90 5.06   0.50 N 
77 1 N3    B DG 24 ? ? C4    B DG  24 ? ? C5    B DG  24 ? ? 125.54 128.60 -3.06  0.50 N 
78 1 N9    B DG 24 ? ? C4    B DG  24 ? ? C5    B DG  24 ? ? 107.97 105.40 2.57   0.40 N 
# 
loop_
_pdbx_validate_planes.id 
_pdbx_validate_planes.PDB_model_num 
_pdbx_validate_planes.auth_comp_id 
_pdbx_validate_planes.auth_asym_id 
_pdbx_validate_planes.auth_seq_id 
_pdbx_validate_planes.PDB_ins_code 
_pdbx_validate_planes.label_alt_id 
_pdbx_validate_planes.rmsd 
_pdbx_validate_planes.type 
1 1 DG A 4  ? ? 0.066 'SIDE CHAIN' 
2 1 DG A 10 ? ? 0.091 'SIDE CHAIN' 
3 1 DC A 11 ? ? 0.060 'SIDE CHAIN' 
4 1 DG A 12 ? ? 0.056 'SIDE CHAIN' 
5 1 DG B 14 ? ? 0.070 'SIDE CHAIN' 
6 1 DC B 15 ? ? 0.102 'SIDE CHAIN' 
7 1 DG B 16 ? ? 0.095 'SIDE CHAIN' 
8 1 DT B 19 ? ? 0.098 'SIDE CHAIN' 
9 1 DG B 24 ? ? 0.086 'SIDE CHAIN' 
# 
loop_
_pdbx_struct_mod_residue.id 
_pdbx_struct_mod_residue.label_asym_id 
_pdbx_struct_mod_residue.label_comp_id 
_pdbx_struct_mod_residue.label_seq_id 
_pdbx_struct_mod_residue.auth_asym_id 
_pdbx_struct_mod_residue.auth_comp_id 
_pdbx_struct_mod_residue.auth_seq_id 
_pdbx_struct_mod_residue.PDB_ins_code 
_pdbx_struct_mod_residue.parent_comp_id 
_pdbx_struct_mod_residue.details 
1 A CBR 9 A CBR 9  ? DC ? 
2 B CBR 9 B CBR 21 ? DC ? 
# 
_struct_site_keywords.site_id   1 
_struct_site_keywords.text      'MINOR GROOVE BINDER' 
# 
loop_
_refine_B_iso.class 
_refine_B_iso.details 
_refine_B_iso.treatment 
_refine_B_iso.pdbx_refine_id 
'ALL ATOMS'  TR isotropic 'X-RAY DIFFRACTION' 
'ALL WATERS' TR isotropic 'X-RAY DIFFRACTION' 
# 
loop_
_refine_occupancy.class 
_refine_occupancy.treatment 
_refine_occupancy.pdbx_refine_id 
'ALL ATOMS'  fix 'X-RAY DIFFRACTION' 
'ALL WATERS' fix 'X-RAY DIFFRACTION' 
# 
loop_
_chem_comp_atom.comp_id 
_chem_comp_atom.atom_id 
_chem_comp_atom.type_symbol 
_chem_comp_atom.pdbx_aromatic_flag 
_chem_comp_atom.pdbx_stereo_config 
_chem_comp_atom.pdbx_ordinal 
CBR BR     BR N N 1   
CBR P      P  N N 2   
CBR OP1    O  N N 3   
CBR OP2    O  N N 4   
CBR "O5'"  O  N N 5   
CBR N1     N  N N 6   
CBR C6     C  N N 7   
CBR C2     C  N N 8   
CBR O2     O  N N 9   
CBR N3     N  N N 10  
CBR C4     C  N N 11  
CBR N4     N  N N 12  
CBR C5     C  N N 13  
CBR "C2'"  C  N N 14  
CBR "C5'"  C  N N 15  
CBR "C4'"  C  N R 16  
CBR "O4'"  O  N N 17  
CBR "C1'"  C  N R 18  
CBR "C3'"  C  N S 19  
CBR "O3'"  O  N N 20  
CBR OP3    O  N N 21  
CBR HOP2   H  N N 22  
CBR H6     H  N N 23  
CBR H41    H  N N 24  
CBR H42    H  N N 25  
CBR "H2'"  H  N N 26  
CBR "H2''" H  N N 27  
CBR "H5'"  H  N N 28  
CBR "H5''" H  N N 29  
CBR "H4'"  H  N N 30  
CBR "H1'"  H  N N 31  
CBR "H3'"  H  N N 32  
CBR "HO3'" H  N N 33  
CBR HOP3   H  N N 34  
DA  OP3    O  N N 35  
DA  P      P  N N 36  
DA  OP1    O  N N 37  
DA  OP2    O  N N 38  
DA  "O5'"  O  N N 39  
DA  "C5'"  C  N N 40  
DA  "C4'"  C  N R 41  
DA  "O4'"  O  N N 42  
DA  "C3'"  C  N S 43  
DA  "O3'"  O  N N 44  
DA  "C2'"  C  N N 45  
DA  "C1'"  C  N R 46  
DA  N9     N  Y N 47  
DA  C8     C  Y N 48  
DA  N7     N  Y N 49  
DA  C5     C  Y N 50  
DA  C6     C  Y N 51  
DA  N6     N  N N 52  
DA  N1     N  Y N 53  
DA  C2     C  Y N 54  
DA  N3     N  Y N 55  
DA  C4     C  Y N 56  
DA  HOP3   H  N N 57  
DA  HOP2   H  N N 58  
DA  "H5'"  H  N N 59  
DA  "H5''" H  N N 60  
DA  "H4'"  H  N N 61  
DA  "H3'"  H  N N 62  
DA  "HO3'" H  N N 63  
DA  "H2'"  H  N N 64  
DA  "H2''" H  N N 65  
DA  "H1'"  H  N N 66  
DA  H8     H  N N 67  
DA  H61    H  N N 68  
DA  H62    H  N N 69  
DA  H2     H  N N 70  
DC  OP3    O  N N 71  
DC  P      P  N N 72  
DC  OP1    O  N N 73  
DC  OP2    O  N N 74  
DC  "O5'"  O  N N 75  
DC  "C5'"  C  N N 76  
DC  "C4'"  C  N R 77  
DC  "O4'"  O  N N 78  
DC  "C3'"  C  N S 79  
DC  "O3'"  O  N N 80  
DC  "C2'"  C  N N 81  
DC  "C1'"  C  N R 82  
DC  N1     N  N N 83  
DC  C2     C  N N 84  
DC  O2     O  N N 85  
DC  N3     N  N N 86  
DC  C4     C  N N 87  
DC  N4     N  N N 88  
DC  C5     C  N N 89  
DC  C6     C  N N 90  
DC  HOP3   H  N N 91  
DC  HOP2   H  N N 92  
DC  "H5'"  H  N N 93  
DC  "H5''" H  N N 94  
DC  "H4'"  H  N N 95  
DC  "H3'"  H  N N 96  
DC  "HO3'" H  N N 97  
DC  "H2'"  H  N N 98  
DC  "H2''" H  N N 99  
DC  "H1'"  H  N N 100 
DC  H41    H  N N 101 
DC  H42    H  N N 102 
DC  H5     H  N N 103 
DC  H6     H  N N 104 
DG  OP3    O  N N 105 
DG  P      P  N N 106 
DG  OP1    O  N N 107 
DG  OP2    O  N N 108 
DG  "O5'"  O  N N 109 
DG  "C5'"  C  N N 110 
DG  "C4'"  C  N R 111 
DG  "O4'"  O  N N 112 
DG  "C3'"  C  N S 113 
DG  "O3'"  O  N N 114 
DG  "C2'"  C  N N 115 
DG  "C1'"  C  N R 116 
DG  N9     N  Y N 117 
DG  C8     C  Y N 118 
DG  N7     N  Y N 119 
DG  C5     C  Y N 120 
DG  C6     C  N N 121 
DG  O6     O  N N 122 
DG  N1     N  N N 123 
DG  C2     C  N N 124 
DG  N2     N  N N 125 
DG  N3     N  N N 126 
DG  C4     C  Y N 127 
DG  HOP3   H  N N 128 
DG  HOP2   H  N N 129 
DG  "H5'"  H  N N 130 
DG  "H5''" H  N N 131 
DG  "H4'"  H  N N 132 
DG  "H3'"  H  N N 133 
DG  "HO3'" H  N N 134 
DG  "H2'"  H  N N 135 
DG  "H2''" H  N N 136 
DG  "H1'"  H  N N 137 
DG  H8     H  N N 138 
DG  H1     H  N N 139 
DG  H21    H  N N 140 
DG  H22    H  N N 141 
DT  OP3    O  N N 142 
DT  P      P  N N 143 
DT  OP1    O  N N 144 
DT  OP2    O  N N 145 
DT  "O5'"  O  N N 146 
DT  "C5'"  C  N N 147 
DT  "C4'"  C  N R 148 
DT  "O4'"  O  N N 149 
DT  "C3'"  C  N S 150 
DT  "O3'"  O  N N 151 
DT  "C2'"  C  N N 152 
DT  "C1'"  C  N R 153 
DT  N1     N  N N 154 
DT  C2     C  N N 155 
DT  O2     O  N N 156 
DT  N3     N  N N 157 
DT  C4     C  N N 158 
DT  O4     O  N N 159 
DT  C5     C  N N 160 
DT  C7     C  N N 161 
DT  C6     C  N N 162 
DT  HOP3   H  N N 163 
DT  HOP2   H  N N 164 
DT  "H5'"  H  N N 165 
DT  "H5''" H  N N 166 
DT  "H4'"  H  N N 167 
DT  "H3'"  H  N N 168 
DT  "HO3'" H  N N 169 
DT  "H2'"  H  N N 170 
DT  "H2''" H  N N 171 
DT  "H1'"  H  N N 172 
DT  H3     H  N N 173 
DT  H71    H  N N 174 
DT  H72    H  N N 175 
DT  H73    H  N N 176 
DT  H6     H  N N 177 
HOH O      O  N N 178 
HOH H1     H  N N 179 
HOH H2     H  N N 180 
NT  C1     C  N N 181 
NT  N1     N  N N 182 
NT  N2     N  N N 183 
NT  N3     N  N N 184 
NT  C2     C  N N 185 
NT  C3     C  N N 186 
NT  O1     O  N N 187 
NT  N4     N  N N 188 
NT  C4     C  Y N 189 
NT  C5     C  Y N 190 
NT  C6     C  Y N 191 
NT  N5     N  Y N 192 
NT  C8     C  N N 193 
NT  C7     C  Y N 194 
NT  C9     C  N N 195 
NT  O2     O  N N 196 
NT  N6     N  N N 197 
NT  C10    C  Y N 198 
NT  C11    C  Y N 199 
NT  C12    C  Y N 200 
NT  N7     N  Y N 201 
NT  C14    C  N N 202 
NT  C13    C  Y N 203 
NT  C15    C  N N 204 
NT  O3     O  N N 205 
NT  N8     N  N N 206 
NT  C16    C  N N 207 
NT  C17    C  N N 208 
NT  C18    C  N N 209 
NT  N9     N  N N 210 
NT  N10    N  N N 211 
NT  HN1    H  N N 212 
NT  HN21   H  N N 213 
NT  HN22   H  N N 214 
NT  HN3    H  N N 215 
NT  H21    H  N N 216 
NT  H22    H  N N 217 
NT  HN4    H  N N 218 
NT  H5     H  N N 219 
NT  H81    H  N N 220 
NT  H82    H  N N 221 
NT  H83    H  N N 222 
NT  H7     H  N N 223 
NT  HN6    H  N N 224 
NT  H11    H  N N 225 
NT  H141   H  N N 226 
NT  H142   H  N N 227 
NT  H143   H  N N 228 
NT  H13    H  N N 229 
NT  HN8    H  N N 230 
NT  H161   H  N N 231 
NT  H162   H  N N 232 
NT  H171   H  N N 233 
NT  H172   H  N N 234 
NT  HN9    H  N N 235 
NT  HN01   H  N N 236 
NT  HN02   H  N N 237 
# 
loop_
_chem_comp_bond.comp_id 
_chem_comp_bond.atom_id_1 
_chem_comp_bond.atom_id_2 
_chem_comp_bond.value_order 
_chem_comp_bond.pdbx_aromatic_flag 
_chem_comp_bond.pdbx_stereo_config 
_chem_comp_bond.pdbx_ordinal 
CBR BR    C5     sing N N 1   
CBR P     OP1    doub N N 2   
CBR P     OP2    sing N N 3   
CBR P     "O5'"  sing N N 4   
CBR P     OP3    sing N N 5   
CBR OP2   HOP2   sing N N 6   
CBR "O5'" "C5'"  sing N N 7   
CBR N1    C6     sing N N 8   
CBR N1    C2     sing N N 9   
CBR N1    "C1'"  sing N N 10  
CBR C6    C5     doub N N 11  
CBR C6    H6     sing N N 12  
CBR C2    O2     doub N N 13  
CBR C2    N3     sing N N 14  
CBR N3    C4     doub N N 15  
CBR C4    N4     sing N N 16  
CBR C4    C5     sing N N 17  
CBR N4    H41    sing N N 18  
CBR N4    H42    sing N N 19  
CBR "C2'" "C1'"  sing N N 20  
CBR "C2'" "C3'"  sing N N 21  
CBR "C2'" "H2'"  sing N N 22  
CBR "C2'" "H2''" sing N N 23  
CBR "C5'" "C4'"  sing N N 24  
CBR "C5'" "H5'"  sing N N 25  
CBR "C5'" "H5''" sing N N 26  
CBR "C4'" "O4'"  sing N N 27  
CBR "C4'" "C3'"  sing N N 28  
CBR "C4'" "H4'"  sing N N 29  
CBR "O4'" "C1'"  sing N N 30  
CBR "C1'" "H1'"  sing N N 31  
CBR "C3'" "O3'"  sing N N 32  
CBR "C3'" "H3'"  sing N N 33  
CBR "O3'" "HO3'" sing N N 34  
CBR OP3   HOP3   sing N N 35  
DA  OP3   P      sing N N 36  
DA  OP3   HOP3   sing N N 37  
DA  P     OP1    doub N N 38  
DA  P     OP2    sing N N 39  
DA  P     "O5'"  sing N N 40  
DA  OP2   HOP2   sing N N 41  
DA  "O5'" "C5'"  sing N N 42  
DA  "C5'" "C4'"  sing N N 43  
DA  "C5'" "H5'"  sing N N 44  
DA  "C5'" "H5''" sing N N 45  
DA  "C4'" "O4'"  sing N N 46  
DA  "C4'" "C3'"  sing N N 47  
DA  "C4'" "H4'"  sing N N 48  
DA  "O4'" "C1'"  sing N N 49  
DA  "C3'" "O3'"  sing N N 50  
DA  "C3'" "C2'"  sing N N 51  
DA  "C3'" "H3'"  sing N N 52  
DA  "O3'" "HO3'" sing N N 53  
DA  "C2'" "C1'"  sing N N 54  
DA  "C2'" "H2'"  sing N N 55  
DA  "C2'" "H2''" sing N N 56  
DA  "C1'" N9     sing N N 57  
DA  "C1'" "H1'"  sing N N 58  
DA  N9    C8     sing Y N 59  
DA  N9    C4     sing Y N 60  
DA  C8    N7     doub Y N 61  
DA  C8    H8     sing N N 62  
DA  N7    C5     sing Y N 63  
DA  C5    C6     sing Y N 64  
DA  C5    C4     doub Y N 65  
DA  C6    N6     sing N N 66  
DA  C6    N1     doub Y N 67  
DA  N6    H61    sing N N 68  
DA  N6    H62    sing N N 69  
DA  N1    C2     sing Y N 70  
DA  C2    N3     doub Y N 71  
DA  C2    H2     sing N N 72  
DA  N3    C4     sing Y N 73  
DC  OP3   P      sing N N 74  
DC  OP3   HOP3   sing N N 75  
DC  P     OP1    doub N N 76  
DC  P     OP2    sing N N 77  
DC  P     "O5'"  sing N N 78  
DC  OP2   HOP2   sing N N 79  
DC  "O5'" "C5'"  sing N N 80  
DC  "C5'" "C4'"  sing N N 81  
DC  "C5'" "H5'"  sing N N 82  
DC  "C5'" "H5''" sing N N 83  
DC  "C4'" "O4'"  sing N N 84  
DC  "C4'" "C3'"  sing N N 85  
DC  "C4'" "H4'"  sing N N 86  
DC  "O4'" "C1'"  sing N N 87  
DC  "C3'" "O3'"  sing N N 88  
DC  "C3'" "C2'"  sing N N 89  
DC  "C3'" "H3'"  sing N N 90  
DC  "O3'" "HO3'" sing N N 91  
DC  "C2'" "C1'"  sing N N 92  
DC  "C2'" "H2'"  sing N N 93  
DC  "C2'" "H2''" sing N N 94  
DC  "C1'" N1     sing N N 95  
DC  "C1'" "H1'"  sing N N 96  
DC  N1    C2     sing N N 97  
DC  N1    C6     sing N N 98  
DC  C2    O2     doub N N 99  
DC  C2    N3     sing N N 100 
DC  N3    C4     doub N N 101 
DC  C4    N4     sing N N 102 
DC  C4    C5     sing N N 103 
DC  N4    H41    sing N N 104 
DC  N4    H42    sing N N 105 
DC  C5    C6     doub N N 106 
DC  C5    H5     sing N N 107 
DC  C6    H6     sing N N 108 
DG  OP3   P      sing N N 109 
DG  OP3   HOP3   sing N N 110 
DG  P     OP1    doub N N 111 
DG  P     OP2    sing N N 112 
DG  P     "O5'"  sing N N 113 
DG  OP2   HOP2   sing N N 114 
DG  "O5'" "C5'"  sing N N 115 
DG  "C5'" "C4'"  sing N N 116 
DG  "C5'" "H5'"  sing N N 117 
DG  "C5'" "H5''" sing N N 118 
DG  "C4'" "O4'"  sing N N 119 
DG  "C4'" "C3'"  sing N N 120 
DG  "C4'" "H4'"  sing N N 121 
DG  "O4'" "C1'"  sing N N 122 
DG  "C3'" "O3'"  sing N N 123 
DG  "C3'" "C2'"  sing N N 124 
DG  "C3'" "H3'"  sing N N 125 
DG  "O3'" "HO3'" sing N N 126 
DG  "C2'" "C1'"  sing N N 127 
DG  "C2'" "H2'"  sing N N 128 
DG  "C2'" "H2''" sing N N 129 
DG  "C1'" N9     sing N N 130 
DG  "C1'" "H1'"  sing N N 131 
DG  N9    C8     sing Y N 132 
DG  N9    C4     sing Y N 133 
DG  C8    N7     doub Y N 134 
DG  C8    H8     sing N N 135 
DG  N7    C5     sing Y N 136 
DG  C5    C6     sing N N 137 
DG  C5    C4     doub Y N 138 
DG  C6    O6     doub N N 139 
DG  C6    N1     sing N N 140 
DG  N1    C2     sing N N 141 
DG  N1    H1     sing N N 142 
DG  C2    N2     sing N N 143 
DG  C2    N3     doub N N 144 
DG  N2    H21    sing N N 145 
DG  N2    H22    sing N N 146 
DG  N3    C4     sing N N 147 
DT  OP3   P      sing N N 148 
DT  OP3   HOP3   sing N N 149 
DT  P     OP1    doub N N 150 
DT  P     OP2    sing N N 151 
DT  P     "O5'"  sing N N 152 
DT  OP2   HOP2   sing N N 153 
DT  "O5'" "C5'"  sing N N 154 
DT  "C5'" "C4'"  sing N N 155 
DT  "C5'" "H5'"  sing N N 156 
DT  "C5'" "H5''" sing N N 157 
DT  "C4'" "O4'"  sing N N 158 
DT  "C4'" "C3'"  sing N N 159 
DT  "C4'" "H4'"  sing N N 160 
DT  "O4'" "C1'"  sing N N 161 
DT  "C3'" "O3'"  sing N N 162 
DT  "C3'" "C2'"  sing N N 163 
DT  "C3'" "H3'"  sing N N 164 
DT  "O3'" "HO3'" sing N N 165 
DT  "C2'" "C1'"  sing N N 166 
DT  "C2'" "H2'"  sing N N 167 
DT  "C2'" "H2''" sing N N 168 
DT  "C1'" N1     sing N N 169 
DT  "C1'" "H1'"  sing N N 170 
DT  N1    C2     sing N N 171 
DT  N1    C6     sing N N 172 
DT  C2    O2     doub N N 173 
DT  C2    N3     sing N N 174 
DT  N3    C4     sing N N 175 
DT  N3    H3     sing N N 176 
DT  C4    O4     doub N N 177 
DT  C4    C5     sing N N 178 
DT  C5    C7     sing N N 179 
DT  C5    C6     doub N N 180 
DT  C7    H71    sing N N 181 
DT  C7    H72    sing N N 182 
DT  C7    H73    sing N N 183 
DT  C6    H6     sing N N 184 
HOH O     H1     sing N N 185 
HOH O     H2     sing N N 186 
NT  C1    N1     doub N N 187 
NT  C1    N2     sing N N 188 
NT  C1    N3     sing N N 189 
NT  N1    HN1    sing N N 190 
NT  N2    HN21   sing N N 191 
NT  N2    HN22   sing N N 192 
NT  N3    C2     sing N N 193 
NT  N3    HN3    sing N N 194 
NT  C2    C3     sing N N 195 
NT  C2    H21    sing N N 196 
NT  C2    H22    sing N N 197 
NT  C3    O1     doub N N 198 
NT  C3    N4     sing N N 199 
NT  N4    C4     sing N N 200 
NT  N4    HN4    sing N N 201 
NT  C4    C5     sing Y N 202 
NT  C4    C7     doub Y N 203 
NT  C5    C6     doub Y N 204 
NT  C5    H5     sing N N 205 
NT  C6    N5     sing Y N 206 
NT  C6    C9     sing N N 207 
NT  N5    C8     sing N N 208 
NT  N5    C7     sing Y N 209 
NT  C8    H81    sing N N 210 
NT  C8    H82    sing N N 211 
NT  C8    H83    sing N N 212 
NT  C7    H7     sing N N 213 
NT  C9    O2     doub N N 214 
NT  C9    N6     sing N N 215 
NT  N6    C10    sing N N 216 
NT  N6    HN6    sing N N 217 
NT  C10   C11    sing Y N 218 
NT  C10   C13    doub Y N 219 
NT  C11   C12    doub Y N 220 
NT  C11   H11    sing N N 221 
NT  C12   N7     sing Y N 222 
NT  C12   C15    sing N N 223 
NT  N7    C14    sing N N 224 
NT  N7    C13    sing Y N 225 
NT  C14   H141   sing N N 226 
NT  C14   H142   sing N N 227 
NT  C14   H143   sing N N 228 
NT  C13   H13    sing N N 229 
NT  C15   O3     doub N N 230 
NT  C15   N8     sing N N 231 
NT  N8    C16    sing N N 232 
NT  N8    HN8    sing N N 233 
NT  C16   C17    sing N N 234 
NT  C16   H161   sing N N 235 
NT  C16   H162   sing N N 236 
NT  C17   C18    sing N N 237 
NT  C17   H171   sing N N 238 
NT  C17   H172   sing N N 239 
NT  C18   N9     doub N N 240 
NT  C18   N10    sing N N 241 
NT  N9    HN9    sing N N 242 
NT  N10   HN01   sing N N 243 
NT  N10   HN02   sing N N 244 
# 
_ndb_struct_conf_na.entry_id   6BNA 
_ndb_struct_conf_na.feature    'b-form double helix' 
# 
loop_
_ndb_struct_na_base_pair.model_number 
_ndb_struct_na_base_pair.i_label_asym_id 
_ndb_struct_na_base_pair.i_label_comp_id 
_ndb_struct_na_base_pair.i_label_seq_id 
_ndb_struct_na_base_pair.i_symmetry 
_ndb_struct_na_base_pair.j_label_asym_id 
_ndb_struct_na_base_pair.j_label_comp_id 
_ndb_struct_na_base_pair.j_label_seq_id 
_ndb_struct_na_base_pair.j_symmetry 
_ndb_struct_na_base_pair.shear 
_ndb_struct_na_base_pair.stretch 
_ndb_struct_na_base_pair.stagger 
_ndb_struct_na_base_pair.buckle 
_ndb_struct_na_base_pair.propeller 
_ndb_struct_na_base_pair.opening 
_ndb_struct_na_base_pair.pair_number 
_ndb_struct_na_base_pair.pair_name 
_ndb_struct_na_base_pair.i_auth_asym_id 
_ndb_struct_na_base_pair.i_auth_seq_id 
_ndb_struct_na_base_pair.i_PDB_ins_code 
_ndb_struct_na_base_pair.j_auth_asym_id 
_ndb_struct_na_base_pair.j_auth_seq_id 
_ndb_struct_na_base_pair.j_PDB_ins_code 
_ndb_struct_na_base_pair.hbond_type_28 
_ndb_struct_na_base_pair.hbond_type_12 
1 A DC  1  1_555 B DG  12 1_555 0.365  -0.274 -0.015 -5.504  -15.807 -3.424 1  A_DC1:DG24_B  A 1  ? B 24 ? 19 1 
1 A DG  2  1_555 B DC  11 1_555 -0.452 -0.305 0.125  -2.482  -13.730 -0.561 2  A_DG2:DC23_B  A 2  ? B 23 ? 19 1 
1 A DC  3  1_555 B DG  10 1_555 0.263  -0.181 0.113  -3.993  -4.548  2.481  3  A_DC3:DG22_B  A 3  ? B 22 ? 19 1 
1 A DG  4  1_555 B CBR 9  1_555 -0.164 -0.150 -0.182 8.690   -5.783  1.757  4  A_DG4:CBR21_B A 4  ? B 21 ? 19 1 
1 A DA  5  1_555 B DT  8  1_555 0.604  -0.090 0.252  10.767  -19.744 2.296  5  A_DA5:DT20_B  A 5  ? B 20 ? 20 1 
1 A DA  6  1_555 B DT  7  1_555 -0.135 -0.120 0.229  7.510   -20.948 7.923  6  A_DA6:DT19_B  A 6  ? B 19 ? 20 1 
1 A DT  7  1_555 B DA  6  1_555 -0.079 -0.056 0.021  -2.874  -25.128 -0.685 7  A_DT7:DA18_B  A 7  ? B 18 ? 20 1 
1 A DT  8  1_555 B DA  5  1_555 -0.290 0.086  0.321  -14.620 -22.200 3.769  8  A_DT8:DA17_B  A 8  ? B 17 ? 20 1 
1 A CBR 9  1_555 B DG  4  1_555 0.264  -0.241 0.213  -18.365 -17.342 -2.986 9  A_CBR9:DG16_B A 9  ? B 16 ? 19 1 
1 A DG  10 1_555 B DC  3  1_555 -0.432 -0.101 0.342  10.894  -9.155  0.865  10 A_DG10:DC15_B A 10 ? B 15 ? 19 1 
1 A DC  11 1_555 B DG  2  1_555 0.576  -0.345 0.321  -3.949  -19.477 -4.874 11 A_DC11:DG14_B A 11 ? B 14 ? 19 1 
1 A DG  12 1_555 B DC  1  1_555 0.356  -0.207 -0.529 -2.704  2.572   -4.922 12 A_DG12:DC13_B A 12 ? B 13 ? 19 1 
# 
loop_
_ndb_struct_na_base_pair_step.model_number 
_ndb_struct_na_base_pair_step.i_label_asym_id_1 
_ndb_struct_na_base_pair_step.i_label_comp_id_1 
_ndb_struct_na_base_pair_step.i_label_seq_id_1 
_ndb_struct_na_base_pair_step.i_symmetry_1 
_ndb_struct_na_base_pair_step.j_label_asym_id_1 
_ndb_struct_na_base_pair_step.j_label_comp_id_1 
_ndb_struct_na_base_pair_step.j_label_seq_id_1 
_ndb_struct_na_base_pair_step.j_symmetry_1 
_ndb_struct_na_base_pair_step.i_label_asym_id_2 
_ndb_struct_na_base_pair_step.i_label_comp_id_2 
_ndb_struct_na_base_pair_step.i_label_seq_id_2 
_ndb_struct_na_base_pair_step.i_symmetry_2 
_ndb_struct_na_base_pair_step.j_label_asym_id_2 
_ndb_struct_na_base_pair_step.j_label_comp_id_2 
_ndb_struct_na_base_pair_step.j_label_seq_id_2 
_ndb_struct_na_base_pair_step.j_symmetry_2 
_ndb_struct_na_base_pair_step.shift 
_ndb_struct_na_base_pair_step.slide 
_ndb_struct_na_base_pair_step.rise 
_ndb_struct_na_base_pair_step.tilt 
_ndb_struct_na_base_pair_step.roll 
_ndb_struct_na_base_pair_step.twist 
_ndb_struct_na_base_pair_step.x_displacement 
_ndb_struct_na_base_pair_step.y_displacement 
_ndb_struct_na_base_pair_step.helical_rise 
_ndb_struct_na_base_pair_step.inclination 
_ndb_struct_na_base_pair_step.tip 
_ndb_struct_na_base_pair_step.helical_twist 
_ndb_struct_na_base_pair_step.step_number 
_ndb_struct_na_base_pair_step.step_name 
_ndb_struct_na_base_pair_step.i_auth_asym_id_1 
_ndb_struct_na_base_pair_step.i_auth_seq_id_1 
_ndb_struct_na_base_pair_step.i_PDB_ins_code_1 
_ndb_struct_na_base_pair_step.j_auth_asym_id_1 
_ndb_struct_na_base_pair_step.j_auth_seq_id_1 
_ndb_struct_na_base_pair_step.j_PDB_ins_code_1 
_ndb_struct_na_base_pair_step.i_auth_asym_id_2 
_ndb_struct_na_base_pair_step.i_auth_seq_id_2 
_ndb_struct_na_base_pair_step.i_PDB_ins_code_2 
_ndb_struct_na_base_pair_step.j_auth_asym_id_2 
_ndb_struct_na_base_pair_step.j_auth_seq_id_2 
_ndb_struct_na_base_pair_step.j_PDB_ins_code_2 
1 A DC  1  1_555 B DG  12 1_555 A DG  2  1_555 B DC  11 1_555 -0.118 0.403  3.413 -4.897 4.388   29.965 -0.150 -0.796 3.412 8.361 
9.331   30.662 1  AA_DC1DG2:DC23DG24_BB   A 1  ? B 24 ? A 2  ? B 23 ? 
1 A DG  2  1_555 B DC  11 1_555 A DC  3  1_555 B DG  10 1_555 0.955  0.836  3.308 3.618  -10.588 44.822 1.971  -0.911 3.109 
-13.635 -4.659  46.128 2  AA_DG2DC3:DG22DC23_BB   A 2  ? B 23 ? A 3  ? B 22 ? 
1 A DC  3  1_555 B DG  10 1_555 A DG  4  1_555 B CBR 9  1_555 -0.336 0.792  3.129 5.000  6.177   26.627 0.199  1.875  3.117 13.047 
-10.561 27.768 3  AA_DC3DG4:CBR21DG22_BB  A 3  ? B 22 ? A 4  ? B 21 ? 
1 A DG  4  1_555 B CBR 9  1_555 A DA  5  1_555 B DT  8  1_555 -0.090 -0.080 3.299 -4.738 -1.528  41.715 0.049  -0.372 3.291 -2.137 
6.625   41.998 4  AA_DG4DA5:DT20CBR21_BB  A 4  ? B 21 ? A 5  ? B 20 ? 
1 A DA  5  1_555 B DT  8  1_555 A DA  6  1_555 B DT  7  1_555 0.178  -0.157 3.161 1.146  7.213   32.889 -1.403 -0.128 3.063 12.548 
-1.993  33.668 5  AA_DA5DA6:DT19DT20_BB   A 5  ? B 20 ? A 6  ? B 19 ? 
1 A DA  6  1_555 B DT  7  1_555 A DT  7  1_555 B DA  6  1_555 -0.502 -0.512 3.427 -0.756 1.201   32.203 -1.146 0.764  3.417 2.165 
1.363   32.234 6  AA_DA6DT7:DA18DT19_BB   A 6  ? B 19 ? A 7  ? B 18 ? 
1 A DT  7  1_555 B DA  6  1_555 A DT  8  1_555 B DA  5  1_555 0.128  0.088  3.587 0.008  1.972   37.259 -0.149 -0.198 3.587 3.083 
-0.013  37.309 7  AA_DT7DT8:DA17DA18_BB   A 7  ? B 18 ? A 8  ? B 17 ? 
1 A DT  8  1_555 B DA  5  1_555 A CBR 9  1_555 B DG  4  1_555 0.122  0.619  3.535 1.249  -0.985  40.478 1.013  -0.026 3.522 -1.423 
-1.805  40.508 8  AA_DT8CBR9:DG16DA17_BB  A 8  ? B 17 ? A 9  ? B 16 ? 
1 A CBR 9  1_555 B DG  4  1_555 A DG  10 1_555 B DC  3  1_555 0.091  0.941  2.786 -1.677 2.347   25.876 1.534  -0.598 2.847 5.221 
3.730   26.034 9  AA_CBR9DG10:DC15DG16_BB A 9  ? B 16 ? A 10 ? B 15 ? 
1 A DG  10 1_555 B DC  3  1_555 A DC  11 1_555 B DG  2  1_555 -0.638 0.828  3.918 -1.821 -11.927 46.944 2.098  0.612  3.638 
-14.689 2.243   48.385 10 AA_DG10DC11:DG14DC15_BB A 10 ? B 15 ? A 11 ? B 14 ? 
1 A DC  11 1_555 B DG  2  1_555 A DG  12 1_555 B DC  1  1_555 0.840  0.597  3.566 5.946  -4.506  37.664 1.527  -0.461 3.561 -6.897 
-9.101  38.369 11 AA_DC11DG12:DC13DG14_BB A 11 ? B 14 ? A 12 ? B 13 ? 
# 
_atom_sites.entry_id                    6BNA 
_atom_sites.fract_transf_matrix[1][1]   -0.02834771 
_atom_sites.fract_transf_matrix[1][2]   -0.02970756 
_atom_sites.fract_transf_matrix[1][3]   -0.00339930 
_atom_sites.fract_transf_matrix[2][1]   -0.00627770 
_atom_sites.fract_transf_matrix[2][2]   0.00321734 
_atom_sites.fract_transf_matrix[2][3]   0.02423421 
_atom_sites.fract_transf_matrix[3][1]   -0.01072472 
_atom_sites.fract_transf_matrix[3][2]   0.01071446 
_atom_sites.fract_transf_matrix[3][3]   -0.00420062 
_atom_sites.fract_transf_vector[1]      0.563008 
_atom_sites.fract_transf_vector[2]      0.540884 
_atom_sites.fract_transf_vector[3]      0.110472 
# 
loop_
_atom_type.symbol 
BR 
C  
N  
O  
P  
# 
loop_
_atom_site.group_PDB 
_atom_site.id 
_atom_site.type_symbol 
_atom_site.label_atom_id 
_atom_site.label_alt_id 
_atom_site.label_comp_id 
_atom_site.label_asym_id 
_atom_site.label_entity_id 
_atom_site.label_seq_id 
_atom_site.pdbx_PDB_ins_code 
_atom_site.Cartn_x 
_atom_site.Cartn_y 
_atom_site.Cartn_z 
_atom_site.occupancy 
_atom_site.B_iso_or_equiv 
_atom_site.pdbx_formal_charge 
_atom_site.auth_seq_id 
_atom_site.auth_comp_id 
_atom_site.auth_asym_id 
_atom_site.auth_atom_id 
_atom_site.pdbx_PDB_model_num 
ATOM   1   O  "O5'" . DC  A 1 1  ? -18.183 10.159  7.480   1.00 26.29 ? 1   DC  A "O5'" 1 
ATOM   2   C  "C5'" . DC  A 1 1  ? -18.728 8.835   7.790   1.00 1.47  ? 1   DC  A "C5'" 1 
ATOM   3   C  "C4'" . DC  A 1 1  ? -18.633 8.029   6.508   1.00 7.30  ? 1   DC  A "C4'" 1 
ATOM   4   O  "O4'" . DC  A 1 1  ? -18.281 8.607   5.283   1.00 8.45  ? 1   DC  A "O4'" 1 
ATOM   5   C  "C3'" . DC  A 1 1  ? -17.893 6.820   6.506   1.00 9.63  ? 1   DC  A "C3'" 1 
ATOM   6   O  "O3'" . DC  A 1 1  ? -18.732 5.859   6.057   1.00 17.34 ? 1   DC  A "O3'" 1 
ATOM   7   C  "C2'" . DC  A 1 1  ? -16.648 6.971   5.670   1.00 13.61 ? 1   DC  A "C2'" 1 
ATOM   8   C  "C1'" . DC  A 1 1  ? -17.211 7.836   4.613   1.00 4.61  ? 1   DC  A "C1'" 1 
ATOM   9   N  N1    . DC  A 1 1  ? -16.184 8.712   3.942   1.00 2.81  ? 1   DC  A N1    1 
ATOM   10  C  C2    . DC  A 1 1  ? -16.256 8.838   2.565   1.00 2.20  ? 1   DC  A C2    1 
ATOM   11  O  O2    . DC  A 1 1  ? -16.996 8.113   1.897   1.00 4.39  ? 1   DC  A O2    1 
ATOM   12  N  N3    . DC  A 1 1  ? -15.482 9.768   1.962   1.00 7.87  ? 1   DC  A N3    1 
ATOM   13  C  C4    . DC  A 1 1  ? -14.697 10.600  2.655   1.00 4.62  ? 1   DC  A C4    1 
ATOM   14  N  N4    . DC  A 1 1  ? -13.891 11.463  1.959   1.00 8.71  ? 1   DC  A N4    1 
ATOM   15  C  C5    . DC  A 1 1  ? -14.684 10.583  4.070   1.00 6.26  ? 1   DC  A C5    1 
ATOM   16  C  C6    . DC  A 1 1  ? -15.416 9.577   4.708   1.00 2.07  ? 1   DC  A C6    1 
ATOM   17  P  P     . DG  A 1 2  ? -18.374 4.419   6.434   1.00 19.50 ? 2   DG  A P     1 
ATOM   18  O  OP1   . DG  A 1 2  ? -19.717 3.660   6.682   1.00 20.12 ? 2   DG  A OP1   1 
ATOM   19  O  OP2   . DG  A 1 2  ? -17.313 4.270   7.412   1.00 29.09 ? 2   DG  A OP2   1 
ATOM   20  O  "O5'" . DG  A 1 2  ? -17.794 3.944   5.043   1.00 15.57 ? 2   DG  A "O5'" 1 
ATOM   21  C  "C5'" . DG  A 1 2  ? -18.653 3.530   4.027   1.00 18.69 ? 2   DG  A "C5'" 1 
ATOM   22  C  "C4'" . DG  A 1 2  ? -17.661 3.195   2.999   1.00 3.97  ? 2   DG  A "C4'" 1 
ATOM   23  O  "O4'" . DG  A 1 2  ? -16.857 4.325   2.741   1.00 5.79  ? 2   DG  A "O4'" 1 
ATOM   24  C  "C3'" . DG  A 1 2  ? -16.725 1.999   3.248   1.00 3.10  ? 2   DG  A "C3'" 1 
ATOM   25  O  "O3'" . DG  A 1 2  ? -16.891 1.054   2.135   1.00 29.84 ? 2   DG  A "O3'" 1 
ATOM   26  C  "C2'" . DG  A 1 2  ? -15.361 2.694   3.297   1.00 3.36  ? 2   DG  A "C2'" 1 
ATOM   27  C  "C1'" . DG  A 1 2  ? -15.599 3.796   2.299   1.00 4.38  ? 2   DG  A "C1'" 1 
ATOM   28  N  N9    . DG  A 1 2  ? -14.644 4.882   2.358   1.00 1.52  ? 2   DG  A N9    1 
ATOM   29  C  C8    . DG  A 1 2  ? -14.219 5.495   3.490   1.00 1.91  ? 2   DG  A C8    1 
ATOM   30  N  N7    . DG  A 1 2  ? -13.420 6.515   3.254   1.00 5.27  ? 2   DG  A N7    1 
ATOM   31  C  C5    . DG  A 1 2  ? -13.371 6.618   1.943   1.00 2.68  ? 2   DG  A C5    1 
ATOM   32  C  C6    . DG  A 1 2  ? -12.708 7.612   1.128   1.00 1.36  ? 2   DG  A C6    1 
ATOM   33  O  O6    . DG  A 1 2  ? -12.057 8.548   1.489   1.00 0.94  ? 2   DG  A O6    1 
ATOM   34  N  N1    . DG  A 1 2  ? -12.924 7.452   -0.231  1.00 9.07  ? 2   DG  A N1    1 
ATOM   35  C  C2    . DG  A 1 2  ? -13.684 6.445   -0.801  1.00 6.96  ? 2   DG  A C2    1 
ATOM   36  N  N2    . DG  A 1 2  ? -13.912 6.519   -2.136  1.00 5.09  ? 2   DG  A N2    1 
ATOM   37  N  N3    . DG  A 1 2  ? -14.277 5.491   -0.054  1.00 2.65  ? 2   DG  A N3    1 
ATOM   38  C  C4    . DG  A 1 2  ? -14.112 5.615   1.332   1.00 6.79  ? 2   DG  A C4    1 
ATOM   39  P  P     . DC  A 1 3  ? -16.411 -0.464  2.163   1.00 12.54 ? 3   DC  A P     1 
ATOM   40  O  OP1   . DC  A 1 3  ? -17.477 -1.491  1.777   1.00 12.25 ? 3   DC  A OP1   1 
ATOM   41  O  OP2   . DC  A 1 3  ? -15.591 -0.736  3.398   1.00 13.64 ? 3   DC  A OP2   1 
ATOM   42  O  "O5'" . DC  A 1 3  ? -15.377 -0.544  0.867   1.00 4.59  ? 3   DC  A "O5'" 1 
ATOM   43  C  "C5'" . DC  A 1 3  ? -15.808 -0.217  -0.406  1.00 22.93 ? 3   DC  A "C5'" 1 
ATOM   44  C  "C4'" . DC  A 1 3  ? -14.662 0.507   -1.029  1.00 8.10  ? 3   DC  A "C4'" 1 
ATOM   45  O  "O4'" . DC  A 1 3  ? -14.344 1.701   -0.390  1.00 13.17 ? 3   DC  A "O4'" 1 
ATOM   46  C  "C3'" . DC  A 1 3  ? -13.343 -0.202  -1.256  1.00 12.76 ? 3   DC  A "C3'" 1 
ATOM   47  O  "O3'" . DC  A 1 3  ? -13.563 -1.220  -2.247  1.00 27.49 ? 3   DC  A "O3'" 1 
ATOM   48  C  "C2'" . DC  A 1 3  ? -12.518 0.949   -1.774  1.00 10.00 ? 3   DC  A "C2'" 1 
ATOM   49  C  "C1'" . DC  A 1 3  ? -13.091 2.078   -1.025  1.00 0.32  ? 3   DC  A "C1'" 1 
ATOM   50  N  N1    . DC  A 1 3  ? -12.216 2.621   0.056   1.00 7.70  ? 3   DC  A N1    1 
ATOM   51  C  C2    . DC  A 1 3  ? -11.561 3.767   -0.147  1.00 3.08  ? 3   DC  A C2    1 
ATOM   52  O  O2    . DC  A 1 3  ? -11.570 4.288   -1.224  1.00 3.30  ? 3   DC  A O2    1 
ATOM   53  N  N3    . DC  A 1 3  ? -10.911 4.311   0.855   1.00 8.69  ? 3   DC  A N3    1 
ATOM   54  C  C4    . DC  A 1 3  ? -10.930 3.830   2.079   1.00 8.18  ? 3   DC  A C4    1 
ATOM   55  N  N4    . DC  A 1 3  ? -10.217 4.483   3.059   1.00 13.84 ? 3   DC  A N4    1 
ATOM   56  C  C5    . DC  A 1 3  ? -11.656 2.685   2.378   1.00 4.56  ? 3   DC  A C5    1 
ATOM   57  C  C6    . DC  A 1 3  ? -12.285 2.063   1.322   1.00 11.21 ? 3   DC  A C6    1 
ATOM   58  P  P     . DG  A 1 4  ? -12.499 -2.273  -2.686  1.00 8.29  ? 4   DG  A P     1 
ATOM   59  O  OP1   . DG  A 1 4  ? -13.146 -3.294  -3.460  1.00 32.12 ? 4   DG  A OP1   1 
ATOM   60  O  OP2   . DG  A 1 4  ? -11.695 -2.730  -1.614  1.00 7.51  ? 4   DG  A OP2   1 
ATOM   61  O  "O5'" . DG  A 1 4  ? -11.559 -1.492  -3.727  1.00 6.74  ? 4   DG  A "O5'" 1 
ATOM   62  C  "C5'" . DG  A 1 4  ? -12.095 -0.715  -4.879  1.00 3.43  ? 4   DG  A "C5'" 1 
ATOM   63  C  "C4'" . DG  A 1 4  ? -10.990 0.123   -5.436  1.00 1.55  ? 4   DG  A "C4'" 1 
ATOM   64  O  "O4'" . DG  A 1 4  ? -10.515 0.974   -4.488  1.00 6.32  ? 4   DG  A "O4'" 1 
ATOM   65  C  "C3'" . DG  A 1 4  ? -9.755  -0.587  -5.931  1.00 19.35 ? 4   DG  A "C3'" 1 
ATOM   66  O  "O3'" . DG  A 1 4  ? -9.313  0.012   -7.141  1.00 12.45 ? 4   DG  A "O3'" 1 
ATOM   67  C  "C2'" . DG  A 1 4  ? -8.768  -0.466  -4.819  1.00 13.40 ? 4   DG  A "C2'" 1 
ATOM   68  C  "C1'" . DG  A 1 4  ? -9.127  0.922   -4.325  1.00 3.73  ? 4   DG  A "C1'" 1 
ATOM   69  N  N9    . DG  A 1 4  ? -8.910  1.048   -2.889  1.00 10.00 ? 4   DG  A N9    1 
ATOM   70  C  C8    . DG  A 1 4  ? -9.227  0.198   -1.880  1.00 2.47  ? 4   DG  A C8    1 
ATOM   71  N  N7    . DG  A 1 4  ? -8.909  0.642   -0.681  1.00 7.81  ? 4   DG  A N7    1 
ATOM   72  C  C5    . DG  A 1 4  ? -8.363  1.856   -0.920  1.00 7.07  ? 4   DG  A C5    1 
ATOM   73  C  C6    . DG  A 1 4  ? -7.908  2.880   -0.020  1.00 2.47  ? 4   DG  A C6    1 
ATOM   74  O  O6    . DG  A 1 4  ? -7.894  2.893   1.223   1.00 4.66  ? 4   DG  A O6    1 
ATOM   75  N  N1    . DG  A 1 4  ? -7.596  4.037   -0.709  1.00 10.18 ? 4   DG  A N1    1 
ATOM   76  C  C2    . DG  A 1 4  ? -7.599  4.195   -2.075  1.00 4.14  ? 4   DG  A C2    1 
ATOM   77  N  N2    . DG  A 1 4  ? -7.297  5.407   -2.595  1.00 11.14 ? 4   DG  A N2    1 
ATOM   78  N  N3    . DG  A 1 4  ? -7.933  3.184   -2.897  1.00 4.49  ? 4   DG  A N3    1 
ATOM   79  C  C4    . DG  A 1 4  ? -8.362  2.088   -2.281  1.00 2.18  ? 4   DG  A C4    1 
ATOM   80  P  P     . DA  A 1 5  ? -8.006  -0.356  -7.980  1.00 8.96  ? 5   DA  A P     1 
ATOM   81  O  OP1   . DA  A 1 5  ? -8.320  -0.208  -9.336  1.00 27.62 ? 5   DA  A OP1   1 
ATOM   82  O  OP2   . DA  A 1 5  ? -7.403  -1.600  -7.580  1.00 13.78 ? 5   DA  A OP2   1 
ATOM   83  O  "O5'" . DA  A 1 5  ? -7.037  0.866   -7.602  1.00 6.37  ? 5   DA  A "O5'" 1 
ATOM   84  C  "C5'" . DA  A 1 5  ? -7.468  2.223   -7.782  1.00 12.19 ? 5   DA  A "C5'" 1 
ATOM   85  C  "C4'" . DA  A 1 5  ? -6.254  3.056   -7.556  1.00 7.11  ? 5   DA  A "C4'" 1 
ATOM   86  O  "O4'" . DA  A 1 5  ? -6.083  3.239   -6.179  1.00 15.72 ? 5   DA  A "O4'" 1 
ATOM   87  C  "C3'" . DA  A 1 5  ? -4.943  2.710   -8.126  1.00 6.06  ? 5   DA  A "C3'" 1 
ATOM   88  O  "O3'" . DA  A 1 5  ? -4.410  3.870   -8.602  1.00 8.87  ? 5   DA  A "O3'" 1 
ATOM   89  C  "C2'" . DA  A 1 5  ? -4.214  2.128   -6.933  1.00 9.47  ? 5   DA  A "C2'" 1 
ATOM   90  C  "C1'" . DA  A 1 5  ? -4.810  2.838   -5.751  1.00 2.31  ? 5   DA  A "C1'" 1 
ATOM   91  N  N9    . DA  A 1 5  ? -4.913  2.038   -4.511  1.00 1.40  ? 5   DA  A N9    1 
ATOM   92  C  C8    . DA  A 1 5  ? -5.376  0.772   -4.360  1.00 3.93  ? 5   DA  A C8    1 
ATOM   93  N  N7    . DA  A 1 5  ? -5.469  0.347   -3.117  1.00 3.42  ? 5   DA  A N7    1 
ATOM   94  C  C5    . DA  A 1 5  ? -5.047  1.375   -2.410  1.00 0.49  ? 5   DA  A C5    1 
ATOM   95  C  C6    . DA  A 1 5  ? -4.778  1.592   -1.014  1.00 7.67  ? 5   DA  A C6    1 
ATOM   96  N  N6    . DA  A 1 5  ? -4.955  0.657   -0.022  1.00 9.36  ? 5   DA  A N6    1 
ATOM   97  N  N1    . DA  A 1 5  ? -4.257  2.776   -0.661  1.00 5.79  ? 5   DA  A N1    1 
ATOM   98  C  C2    . DA  A 1 5  ? -4.104  3.735   -1.571  1.00 2.24  ? 5   DA  A C2    1 
ATOM   99  N  N3    . DA  A 1 5  ? -4.381  3.641   -2.860  1.00 3.04  ? 5   DA  A N3    1 
ATOM   100 C  C4    . DA  A 1 5  ? -4.774  2.438   -3.238  1.00 0.19  ? 5   DA  A C4    1 
ATOM   101 P  P     . DA  A 1 6  ? -2.906  4.063   -9.035  1.00 12.03 ? 6   DA  A P     1 
ATOM   102 O  OP1   . DA  A 1 6  ? -2.755  5.363   -9.779  1.00 9.59  ? 6   DA  A OP1   1 
ATOM   103 O  OP2   . DA  A 1 6  ? -2.391  2.745   -9.568  1.00 16.58 ? 6   DA  A OP2   1 
ATOM   104 O  "O5'" . DA  A 1 6  ? -2.171  4.360   -7.646  1.00 20.37 ? 6   DA  A "O5'" 1 
ATOM   105 C  "C5'" . DA  A 1 6  ? -1.957  5.684   -7.208  1.00 2.55  ? 6   DA  A "C5'" 1 
ATOM   106 C  "C4'" . DA  A 1 6  ? -0.901  5.647   -6.135  1.00 6.50  ? 6   DA  A "C4'" 1 
ATOM   107 O  "O4'" . DA  A 1 6  ? -1.080  4.811   -4.987  1.00 4.55  ? 6   DA  A "O4'" 1 
ATOM   108 C  "C3'" . DA  A 1 6  ? 0.397   5.357   -6.585  1.00 4.77  ? 6   DA  A "C3'" 1 
ATOM   109 O  "O3'" . DA  A 1 6  ? 1.176   6.396   -6.064  1.00 11.97 ? 6   DA  A "O3'" 1 
ATOM   110 C  "C2'" . DA  A 1 6  ? 0.607   3.970   -5.960  1.00 3.87  ? 6   DA  A "C2'" 1 
ATOM   111 C  "C1'" . DA  A 1 6  ? -0.035  4.004   -4.682  1.00 10.00 ? 6   DA  A "C1'" 1 
ATOM   112 N  N9    . DA  A 1 6  ? -0.671  2.725   -4.274  1.00 6.80  ? 6   DA  A N9    1 
ATOM   113 C  C8    . DA  A 1 6  ? -1.158  1.629   -4.955  1.00 3.11  ? 6   DA  A C8    1 
ATOM   114 N  N7    . DA  A 1 6  ? -1.683  0.721   -4.106  1.00 0.75  ? 6   DA  A N7    1 
ATOM   115 C  C5    . DA  A 1 6  ? -1.485  1.206   -2.861  1.00 5.29  ? 6   DA  A C5    1 
ATOM   116 C  C6    . DA  A 1 6  ? -1.729  0.706   -1.492  1.00 8.15  ? 6   DA  A C6    1 
ATOM   117 N  N6    . DA  A 1 6  ? -2.351  -0.503  -1.183  1.00 7.40  ? 6   DA  A N6    1 
ATOM   118 N  N1    . DA  A 1 6  ? -1.325  1.472   -0.469  1.00 3.66  ? 6   DA  A N1    1 
ATOM   119 C  C2    . DA  A 1 6  ? -0.714  2.635   -0.686  1.00 10.68 ? 6   DA  A C2    1 
ATOM   120 N  N3    . DA  A 1 6  ? -0.462  3.196   -1.882  1.00 3.86  ? 6   DA  A N3    1 
ATOM   121 C  C4    . DA  A 1 6  ? -0.890  2.427   -2.925  1.00 4.59  ? 6   DA  A C4    1 
ATOM   122 P  P     . DT  A 1 7  ? 2.649   6.377   -6.256  1.00 5.65  ? 7   DT  A P     1 
ATOM   123 O  OP1   . DT  A 1 7  ? 3.048   7.798   -6.781  1.00 22.74 ? 7   DT  A OP1   1 
ATOM   124 O  OP2   . DT  A 1 7  ? 3.072   5.260   -7.247  1.00 16.76 ? 7   DT  A OP2   1 
ATOM   125 O  "O5'" . DT  A 1 7  ? 3.288   6.103   -4.927  1.00 11.66 ? 7   DT  A "O5'" 1 
ATOM   126 C  "C5'" . DT  A 1 7  ? 2.849   6.693   -3.788  1.00 9.99  ? 7   DT  A "C5'" 1 
ATOM   127 C  "C4'" . DT  A 1 7  ? 3.486   5.794   -2.811  1.00 0.69  ? 7   DT  A "C4'" 1 
ATOM   128 O  "O4'" . DT  A 1 7  ? 2.877   4.612   -2.974  1.00 2.92  ? 7   DT  A "O4'" 1 
ATOM   129 C  "C3'" . DT  A 1 7  ? 4.962   5.434   -2.879  1.00 7.72  ? 7   DT  A "C3'" 1 
ATOM   130 O  "O3'" . DT  A 1 7  ? 5.635   6.089   -1.876  1.00 7.66  ? 7   DT  A "O3'" 1 
ATOM   131 C  "C2'" . DT  A 1 7  ? 4.964   3.919   -2.716  1.00 5.67  ? 7   DT  A "C2'" 1 
ATOM   132 C  "C1'" . DT  A 1 7  ? 3.568   3.683   -2.254  1.00 4.27  ? 7   DT  A "C1'" 1 
ATOM   133 N  N1    . DT  A 1 7  ? 2.910   2.355   -2.422  1.00 8.14  ? 7   DT  A N1    1 
ATOM   134 C  C2    . DT  A 1 7  ? 2.555   1.672   -1.260  1.00 21.77 ? 7   DT  A C2    1 
ATOM   135 O  O2    . DT  A 1 7  ? 2.846   2.129   -0.129  1.00 11.13 ? 7   DT  A O2    1 
ATOM   136 N  N3    . DT  A 1 7  ? 1.946   0.418   -1.394  1.00 4.63  ? 7   DT  A N3    1 
ATOM   137 C  C4    . DT  A 1 7  ? 1.640   -0.125  -2.598  1.00 5.82  ? 7   DT  A C4    1 
ATOM   138 O  O4    . DT  A 1 7  ? 0.997   -1.187  -2.538  1.00 6.11  ? 7   DT  A O4    1 
ATOM   139 C  C5    . DT  A 1 7  ? 2.069   0.564   -3.793  1.00 5.00  ? 7   DT  A C5    1 
ATOM   140 C  C7    . DT  A 1 7  ? 1.834   0.062   -5.195  1.00 3.53  ? 7   DT  A C7    1 
ATOM   141 C  C6    . DT  A 1 7  ? 2.694   1.817   -3.680  1.00 1.78  ? 7   DT  A C6    1 
ATOM   142 P  P     . DT  A 1 8  ? 7.207   6.340   -1.718  1.00 8.18  ? 8   DT  A P     1 
ATOM   143 O  OP1   . DT  A 1 8  ? 7.453   7.647   -1.105  1.00 25.96 ? 8   DT  A OP1   1 
ATOM   144 O  OP2   . DT  A 1 8  ? 7.942   5.917   -2.693  1.00 31.40 ? 8   DT  A OP2   1 
ATOM   145 O  "O5'" . DT  A 1 8  ? 7.484   5.254   -0.530  1.00 9.33  ? 8   DT  A "O5'" 1 
ATOM   146 C  "C5'" . DT  A 1 8  ? 6.881   5.309   0.821   1.00 8.65  ? 8   DT  A "C5'" 1 
ATOM   147 C  "C4'" . DT  A 1 8  ? 7.045   3.973   1.407   1.00 3.40  ? 8   DT  A "C4'" 1 
ATOM   148 O  "O4'" . DT  A 1 8  ? 6.506   3.047   0.537   1.00 6.47  ? 8   DT  A "O4'" 1 
ATOM   149 C  "C3'" . DT  A 1 8  ? 8.398   3.394   1.742   1.00 7.02  ? 8   DT  A "C3'" 1 
ATOM   150 O  "O3'" . DT  A 1 8  ? 8.703   3.598   3.138   1.00 28.55 ? 8   DT  A "O3'" 1 
ATOM   151 C  "C2'" . DT  A 1 8  ? 8.204   1.882   1.391   1.00 4.68  ? 8   DT  A "C2'" 1 
ATOM   152 C  "C1'" . DT  A 1 8  ? 6.740   1.820   1.147   1.00 1.91  ? 8   DT  A "C1'" 1 
ATOM   153 N  N1    . DT  A 1 8  ? 6.332   0.796   0.155   1.00 6.80  ? 8   DT  A N1    1 
ATOM   154 C  C2    . DT  A 1 8  ? 5.674   -0.362  0.557   1.00 7.27  ? 8   DT  A C2    1 
ATOM   155 O  O2    . DT  A 1 8  ? 5.411   -0.582  1.767   1.00 4.94  ? 8   DT  A O2    1 
ATOM   156 N  N3    . DT  A 1 8  ? 5.256   -1.234  -0.449  1.00 3.21  ? 8   DT  A N3    1 
ATOM   157 C  C4    . DT  A 1 8  ? 5.403   -0.996  -1.760  1.00 0.33  ? 8   DT  A C4    1 
ATOM   158 O  O4    . DT  A 1 8  ? 4.848   -1.746  -2.497  1.00 4.63  ? 8   DT  A O4    1 
ATOM   159 C  C5    . DT  A 1 8  ? 6.070   0.163   -2.173  1.00 9.71  ? 8   DT  A C5    1 
ATOM   160 C  C7    . DT  A 1 8  ? 6.356   0.521   -3.604  1.00 13.31 ? 8   DT  A C7    1 
ATOM   161 C  C6    . DT  A 1 8  ? 6.537   1.052   -1.188  1.00 17.61 ? 8   DT  A C6    1 
HETATM 162 BR BR    . CBR A 1 9  ? 10.213  -0.425  -1.464  1.00 37.60 ? 9   CBR A BR    1 
HETATM 163 P  P     . CBR A 1 9  ? 10.126  3.286   3.771   1.00 10.33 ? 9   CBR A P     1 
HETATM 164 O  OP1   . CBR A 1 9  ? 10.209  3.955   5.109   1.00 19.43 ? 9   CBR A OP1   1 
HETATM 165 O  OP2   . CBR A 1 9  ? 11.174  3.188   2.734   1.00 18.55 ? 9   CBR A OP2   1 
HETATM 166 O  "O5'" . CBR A 1 9  ? 9.950   1.807   4.249   1.00 36.03 ? 9   CBR A "O5'" 1 
HETATM 167 N  N1    . CBR A 1 9  ? 8.836   -2.037  2.070   1.00 8.20  ? 9   CBR A N1    1 
HETATM 168 C  C6    . CBR A 1 9  ? 9.538   -1.266  1.185   1.00 12.94 ? 9   CBR A C6    1 
HETATM 169 C  C2    . CBR A 1 9  ? 8.150   -3.136  1.663   1.00 4.69  ? 9   CBR A C2    1 
HETATM 170 O  O2    . CBR A 1 9  ? 7.670   -3.875  2.511   1.00 5.80  ? 9   CBR A O2    1 
HETATM 171 N  N3    . CBR A 1 9  ? 8.107   -3.429  0.345   1.00 11.69 ? 9   CBR A N3    1 
HETATM 172 C  C4    . CBR A 1 9  ? 8.694   -2.620  -0.564  1.00 14.66 ? 9   CBR A C4    1 
HETATM 173 N  N4    . CBR A 1 9  ? 8.503   -2.814  -1.901  1.00 19.07 ? 9   CBR A N4    1 
HETATM 174 C  C5    . CBR A 1 9  ? 9.515   -1.565  -0.176  1.00 5.42  ? 9   CBR A C5    1 
HETATM 175 C  "C2'" . CBR A 1 9  ? 10.346  -1.763  4.182   1.00 7.46  ? 9   CBR A "C2'" 1 
HETATM 176 C  "C5'" . CBR A 1 9  ? 8.884   1.438   5.098   1.00 24.33 ? 9   CBR A "C5'" 1 
HETATM 177 C  "C4'" . CBR A 1 9  ? 8.875   -0.047  4.960   1.00 13.59 ? 9   CBR A "C4'" 1 
HETATM 178 O  "O4'" . CBR A 1 9  ? 8.571   -0.358  3.622   1.00 24.61 ? 9   CBR A "O4'" 1 
HETATM 179 C  "C1'" . CBR A 1 9  ? 8.946   -1.712  3.513   1.00 13.20 ? 9   CBR A "C1'" 1 
HETATM 180 C  "C3'" . CBR A 1 9  ? 10.158  -0.776  5.319   1.00 13.43 ? 9   CBR A "C3'" 1 
HETATM 181 O  "O3'" . CBR A 1 9  ? 10.098  -1.377  6.667   1.00 32.28 ? 9   CBR A "O3'" 1 
ATOM   182 P  P     . DG  A 1 10 ? 11.451  -1.813  7.421   1.00 28.62 ? 10  DG  A P     1 
ATOM   183 O  OP1   . DG  A 1 10 ? 11.402  -1.082  8.720   1.00 28.75 ? 10  DG  A OP1   1 
ATOM   184 O  OP2   . DG  A 1 10 ? 12.671  -1.782  6.495   1.00 4.89  ? 10  DG  A OP2   1 
ATOM   185 O  "O5'" . DG  A 1 10 ? 11.295  -3.391  7.580   1.00 30.60 ? 10  DG  A "O5'" 1 
ATOM   186 C  "C5'" . DG  A 1 10 ? 9.982   -4.047  7.732   1.00 29.90 ? 10  DG  A "C5'" 1 
ATOM   187 C  "C4'" . DG  A 1 10 ? 10.190  -5.434  7.102   1.00 31.91 ? 10  DG  A "C4'" 1 
ATOM   188 O  "O4'" . DG  A 1 10 ? 10.132  -5.418  5.631   1.00 29.87 ? 10  DG  A "O4'" 1 
ATOM   189 C  "C3'" . DG  A 1 10 ? 11.523  -6.140  7.398   1.00 18.10 ? 10  DG  A "C3'" 1 
ATOM   190 O  "O3'" . DG  A 1 10 ? 11.261  -7.505  7.615   1.00 29.97 ? 10  DG  A "O3'" 1 
ATOM   191 C  "C2'" . DG  A 1 10 ? 12.308  -5.933  6.123   1.00 9.21  ? 10  DG  A "C2'" 1 
ATOM   192 C  "C1'" . DG  A 1 10 ? 11.203  -6.176  5.116   1.00 3.38  ? 10  DG  A "C1'" 1 
ATOM   193 N  N9    . DG  A 1 10 ? 11.455  -5.631  3.793   1.00 9.76  ? 10  DG  A N9    1 
ATOM   194 C  C8    . DG  A 1 10 ? 12.339  -4.705  3.291   1.00 5.16  ? 10  DG  A C8    1 
ATOM   195 N  N7    . DG  A 1 10 ? 12.186  -4.511  1.990   1.00 2.38  ? 10  DG  A N7    1 
ATOM   196 C  C5    . DG  A 1 10 ? 11.176  -5.313  1.643   1.00 2.48  ? 10  DG  A C5    1 
ATOM   197 C  C6    . DG  A 1 10 ? 10.630  -5.570  0.328   1.00 14.80 ? 10  DG  A C6    1 
ATOM   198 O  O6    . DG  A 1 10 ? 10.957  -4.982  -0.710  1.00 5.23  ? 10  DG  A O6    1 
ATOM   199 N  N1    . DG  A 1 10 ? 9.762   -6.702  0.284   1.00 4.15  ? 10  DG  A N1    1 
ATOM   200 C  C2    . DG  A 1 10 ? 9.331   -7.405  1.439   1.00 9.26  ? 10  DG  A C2    1 
ATOM   201 N  N2    . DG  A 1 10 ? 8.536   -8.505  1.320   1.00 5.45  ? 10  DG  A N2    1 
ATOM   202 N  N3    . DG  A 1 10 ? 9.730   -7.051  2.689   1.00 8.42  ? 10  DG  A N3    1 
ATOM   203 C  C4    . DG  A 1 10 ? 10.697  -6.022  2.708   1.00 9.15  ? 10  DG  A C4    1 
ATOM   204 P  P     . DC  A 1 11 ? 11.863  -8.219  8.835   1.00 30.62 ? 11  DC  A P     1 
ATOM   205 O  OP1   . DC  A 1 11 ? 11.240  -7.515  10.055  1.00 21.97 ? 11  DC  A OP1   1 
ATOM   206 O  OP2   . DC  A 1 11 ? 13.354  -8.254  8.668   1.00 32.46 ? 11  DC  A OP2   1 
ATOM   207 O  "O5'" . DC  A 1 11 ? 11.388  -9.705  8.629   1.00 29.47 ? 11  DC  A "O5'" 1 
ATOM   208 C  "C5'" . DC  A 1 11 ? 9.964   -10.020 8.512   1.00 26.46 ? 11  DC  A "C5'" 1 
ATOM   209 C  "C4'" . DC  A 1 11 ? 9.669   -10.804 7.256   1.00 15.68 ? 11  DC  A "C4'" 1 
ATOM   210 O  "O4'" . DC  A 1 11 ? 9.778   -9.898  6.197   1.00 22.74 ? 11  DC  A "O4'" 1 
ATOM   211 C  "C3'" . DC  A 1 11 ? 10.457  -12.061 6.819   1.00 3.87  ? 11  DC  A "C3'" 1 
ATOM   212 O  "O3'" . DC  A 1 11 ? 9.983   -13.237 7.546   1.00 20.01 ? 11  DC  A "O3'" 1 
ATOM   213 C  "C2'" . DC  A 1 11 ? 9.957   -12.092 5.405   1.00 18.73 ? 11  DC  A "C2'" 1 
ATOM   214 C  "C1'" . DC  A 1 11 ? 10.029  -10.653 5.006   1.00 10.54 ? 11  DC  A "C1'" 1 
ATOM   215 N  N1    . DC  A 1 11 ? 11.248  -10.161 4.193   1.00 14.39 ? 11  DC  A N1    1 
ATOM   216 C  C2    . DC  A 1 11 ? 11.197  -10.137 2.809   1.00 19.38 ? 11  DC  A C2    1 
ATOM   217 O  O2    . DC  A 1 11 ? 10.253  -10.703 2.227   1.00 10.15 ? 11  DC  A O2    1 
ATOM   218 N  N3    . DC  A 1 11 ? 12.161  -9.466  2.135   1.00 6.10  ? 11  DC  A N3    1 
ATOM   219 C  C4    . DC  A 1 11 ? 13.214  -8.886  2.780   1.00 8.77  ? 11  DC  A C4    1 
ATOM   220 N  N4    . DC  A 1 11 ? 14.206  -8.259  2.079   1.00 4.16  ? 11  DC  A N4    1 
ATOM   221 C  C5    . DC  A 1 11 ? 13.304  -8.889  4.176   1.00 17.34 ? 11  DC  A C5    1 
ATOM   222 C  C6    . DC  A 1 11 ? 12.271  -9.528  4.884   1.00 20.05 ? 11  DC  A C6    1 
ATOM   223 P  P     . DG  A 1 12 ? 10.740  -14.625 7.598   1.00 19.78 ? 12  DG  A P     1 
ATOM   224 O  OP1   . DG  A 1 12 ? 9.960   -15.542 8.451   1.00 27.92 ? 12  DG  A OP1   1 
ATOM   225 O  OP2   . DG  A 1 12 ? 12.140  -14.432 8.013   1.00 21.30 ? 12  DG  A OP2   1 
ATOM   226 O  "O5'" . DG  A 1 12 ? 10.601  -15.146 6.139   1.00 20.44 ? 12  DG  A "O5'" 1 
ATOM   227 C  "C5'" . DG  A 1 12 ? 9.413   -15.801 5.720   1.00 2.44  ? 12  DG  A "C5'" 1 
ATOM   228 C  "C4'" . DG  A 1 12 ? 9.821   -16.116 4.291   1.00 21.91 ? 12  DG  A "C4'" 1 
ATOM   229 O  "O4'" . DG  A 1 12 ? 10.246  -14.906 3.626   1.00 6.80  ? 12  DG  A "O4'" 1 
ATOM   230 C  "C3'" . DG  A 1 12 ? 10.919  -17.112 4.070   1.00 10.86 ? 12  DG  A "C3'" 1 
ATOM   231 O  "O3'" . DG  A 1 12 ? 10.546  -18.507 4.254   1.00 19.26 ? 12  DG  A "O3'" 1 
ATOM   232 C  "C2'" . DG  A 1 12 ? 11.442  -16.712 2.699   1.00 15.15 ? 12  DG  A "C2'" 1 
ATOM   233 C  "C1'" . DG  A 1 12 ? 11.138  -15.197 2.636   1.00 4.91  ? 12  DG  A "C1'" 1 
ATOM   234 N  N9    . DG  A 1 12 ? 12.205  -14.229 2.915   1.00 0.69  ? 12  DG  A N9    1 
ATOM   235 C  C8    . DG  A 1 12 ? 12.791  -13.896 4.112   1.00 1.77  ? 12  DG  A C8    1 
ATOM   236 N  N7    . DG  A 1 12 ? 13.772  -13.028 4.030   1.00 2.81  ? 12  DG  A N7    1 
ATOM   237 C  C5    . DG  A 1 12 ? 13.801  -12.777 2.705   1.00 4.78  ? 12  DG  A C5    1 
ATOM   238 C  C6    . DG  A 1 12 ? 14.629  -11.879 1.908   1.00 22.63 ? 12  DG  A C6    1 
ATOM   239 O  O6    . DG  A 1 12 ? 15.474  -11.096 2.297   1.00 23.50 ? 12  DG  A O6    1 
ATOM   240 N  N1    . DG  A 1 12 ? 14.369  -11.917 0.526   1.00 11.15 ? 12  DG  A N1    1 
ATOM   241 C  C2    . DG  A 1 12 ? 13.397  -12.653 -0.052  1.00 2.19  ? 12  DG  A C2    1 
ATOM   242 N  N2    . DG  A 1 12 ? 13.364  -12.612 -1.370  1.00 5.31  ? 12  DG  A N2    1 
ATOM   243 N  N3    . DG  A 1 12 ? 12.532  -13.373 0.667   1.00 2.21  ? 12  DG  A N3    1 
ATOM   244 C  C4    . DG  A 1 12 ? 12.800  -13.469 2.014   1.00 5.70  ? 12  DG  A C4    1 
ATOM   245 O  "O5'" . DC  B 1 1  ? 19.398  -8.387  -6.795  1.00 26.22 ? 13  DC  B "O5'" 1 
ATOM   246 C  "C5'" . DC  B 1 1  ? 18.504  -9.178  -7.575  1.00 25.44 ? 13  DC  B "C5'" 1 
ATOM   247 C  "C4'" . DC  B 1 1  ? 17.123  -9.377  -6.935  1.00 16.59 ? 13  DC  B "C4'" 1 
ATOM   248 O  "O4'" . DC  B 1 1  ? 17.155  -10.115 -5.665  1.00 12.38 ? 13  DC  B "O4'" 1 
ATOM   249 C  "C3'" . DC  B 1 1  ? 16.131  -8.198  -6.838  1.00 20.14 ? 13  DC  B "C3'" 1 
ATOM   250 O  "O3'" . DC  B 1 1  ? 14.813  -8.485  -7.339  1.00 23.84 ? 13  DC  B "O3'" 1 
ATOM   251 C  "C2'" . DC  B 1 1  ? 16.050  -8.045  -5.331  1.00 23.70 ? 13  DC  B "C2'" 1 
ATOM   252 C  "C1'" . DC  B 1 1  ? 16.189  -9.494  -4.843  1.00 7.50  ? 13  DC  B "C1'" 1 
ATOM   253 N  N1    . DC  B 1 1  ? 16.529  -9.643  -3.430  1.00 2.10  ? 13  DC  B N1    1 
ATOM   254 C  C2    . DC  B 1 1  ? 15.758  -10.480 -2.727  1.00 1.85  ? 13  DC  B C2    1 
ATOM   255 O  O2    . DC  B 1 1  ? 14.781  -11.048 -3.252  1.00 4.46  ? 13  DC  B O2    1 
ATOM   256 N  N3    . DC  B 1 1  ? 16.037  -10.649 -1.460  1.00 7.78  ? 13  DC  B N3    1 
ATOM   257 C  C4    . DC  B 1 1  ? 17.004  -9.934  -0.826  1.00 4.99  ? 13  DC  B C4    1 
ATOM   258 N  N4    . DC  B 1 1  ? 17.313  -10.250 0.453   1.00 8.48  ? 13  DC  B N4    1 
ATOM   259 C  C5    . DC  B 1 1  ? 17.827  -9.058  -1.531  1.00 17.11 ? 13  DC  B C5    1 
ATOM   260 C  C6    . DC  B 1 1  ? 17.558  -8.926  -2.897  1.00 1.58  ? 13  DC  B C6    1 
ATOM   261 P  P     . DG  B 1 2  ? 14.264  -8.036  -8.762  1.00 11.48 ? 14  DG  B P     1 
ATOM   262 O  OP1   . DG  B 1 2  ? 15.177  -8.473  -9.903  1.00 25.73 ? 14  DG  B OP1   1 
ATOM   263 O  OP2   . DG  B 1 2  ? 13.914  -6.572  -8.527  1.00 12.02 ? 14  DG  B OP2   1 
ATOM   264 O  "O5'" . DG  B 1 2  ? 12.988  -8.956  -8.880  1.00 27.31 ? 14  DG  B "O5'" 1 
ATOM   265 C  "C5'" . DG  B 1 2  ? 13.114  -10.365 -8.644  1.00 7.04  ? 14  DG  B "C5'" 1 
ATOM   266 C  "C4'" . DG  B 1 2  ? 11.943  -10.841 -7.823  1.00 7.29  ? 14  DG  B "C4'" 1 
ATOM   267 O  "O4'" . DG  B 1 2  ? 12.277  -10.854 -6.411  1.00 2.10  ? 14  DG  B "O4'" 1 
ATOM   268 C  "C3'" . DG  B 1 2  ? 10.553  -10.182 -8.028  1.00 7.53  ? 14  DG  B "C3'" 1 
ATOM   269 O  "O3'" . DG  B 1 2  ? 9.457   -11.083 -8.446  1.00 20.95 ? 14  DG  B "O3'" 1 
ATOM   270 C  "C2'" . DG  B 1 2  ? 10.336  -9.468  -6.693  1.00 21.83 ? 14  DG  B "C2'" 1 
ATOM   271 C  "C1'" . DG  B 1 2  ? 11.115  -10.303 -5.694  1.00 4.64  ? 14  DG  B "C1'" 1 
ATOM   272 N  N9    . DG  B 1 2  ? 11.652  -9.376  -4.645  1.00 12.01 ? 14  DG  B N9    1 
ATOM   273 C  C8    . DG  B 1 2  ? 12.431  -8.220  -4.761  1.00 4.61  ? 14  DG  B C8    1 
ATOM   274 N  N7    . DG  B 1 2  ? 12.873  -7.772  -3.578  1.00 12.36 ? 14  DG  B N7    1 
ATOM   275 C  C5    . DG  B 1 2  ? 12.342  -8.662  -2.688  1.00 6.69  ? 14  DG  B C5    1 
ATOM   276 C  C6    . DG  B 1 2  ? 12.427  -8.736  -1.239  1.00 3.23  ? 14  DG  B C6    1 
ATOM   277 O  O6    . DG  B 1 2  ? 12.966  -7.981  -0.478  1.00 11.46 ? 14  DG  B O6    1 
ATOM   278 N  N1    . DG  B 1 2  ? 11.602  -9.647  -0.670  1.00 4.81  ? 14  DG  B N1    1 
ATOM   279 C  C2    . DG  B 1 2  ? 10.818  -10.520 -1.331  1.00 3.66  ? 14  DG  B C2    1 
ATOM   280 N  N2    . DG  B 1 2  ? 10.232  -11.494 -0.620  1.00 7.04  ? 14  DG  B N2    1 
ATOM   281 N  N3    . DG  B 1 2  ? 10.833  -10.546 -2.660  1.00 19.95 ? 14  DG  B N3    1 
ATOM   282 C  C4    . DG  B 1 2  ? 11.571  -9.588  -3.294  1.00 1.32  ? 14  DG  B C4    1 
ATOM   283 P  P     . DC  B 1 3  ? 8.002   -10.587 -8.895  1.00 7.43  ? 15  DC  B P     1 
ATOM   284 O  OP1   . DC  B 1 3  ? 7.413   -11.412 -9.775  1.00 17.63 ? 15  DC  B OP1   1 
ATOM   285 O  OP2   . DC  B 1 3  ? 7.814   -9.158  -8.956  1.00 18.11 ? 15  DC  B OP2   1 
ATOM   286 O  "O5'" . DC  B 1 3  ? 7.098   -10.807 -7.556  1.00 3.41  ? 15  DC  B "O5'" 1 
ATOM   287 C  "C5'" . DC  B 1 3  ? 6.857   -12.083 -6.904  1.00 5.56  ? 15  DC  B "C5'" 1 
ATOM   288 C  "C4'" . DC  B 1 3  ? 6.513   -11.820 -5.420  1.00 0.12  ? 15  DC  B "C4'" 1 
ATOM   289 O  "O4'" . DC  B 1 3  ? 7.578   -11.155 -4.668  1.00 1.18  ? 15  DC  B "O4'" 1 
ATOM   290 C  "C3'" . DC  B 1 3  ? 5.314   -10.985 -5.154  1.00 4.04  ? 15  DC  B "C3'" 1 
ATOM   291 O  "O3'" . DC  B 1 3  ? 4.135   -11.772 -5.052  1.00 21.41 ? 15  DC  B "O3'" 1 
ATOM   292 C  "C2'" . DC  B 1 3  ? 5.609   -10.434 -3.766  1.00 5.91  ? 15  DC  B "C2'" 1 
ATOM   293 C  "C1'" . DC  B 1 3  ? 7.072   -10.372 -3.668  1.00 5.43  ? 15  DC  B "C1'" 1 
ATOM   294 N  N1    . DC  B 1 3  ? 7.610   -8.968  -3.570  1.00 3.97  ? 15  DC  B N1    1 
ATOM   295 C  C2    . DC  B 1 3  ? 7.979   -8.421  -2.358  1.00 3.29  ? 15  DC  B C2    1 
ATOM   296 O  O2    . DC  B 1 3  ? 7.684   -8.961  -1.277  1.00 4.96  ? 15  DC  B O2    1 
ATOM   297 N  N3    . DC  B 1 3  ? 8.669   -7.292  -2.371  1.00 6.44  ? 15  DC  B N3    1 
ATOM   298 C  C4    . DC  B 1 3  ? 8.953   -6.648  -3.514  1.00 4.66  ? 15  DC  B C4    1 
ATOM   299 N  N4    . DC  B 1 3  ? 9.721   -5.538  -3.486  1.00 4.18  ? 15  DC  B N4    1 
ATOM   300 C  C5    . DC  B 1 3  ? 8.484   -7.105  -4.758  1.00 4.94  ? 15  DC  B C5    1 
ATOM   301 C  C6    . DC  B 1 3  ? 7.801   -8.298  -4.766  1.00 3.76  ? 15  DC  B C6    1 
ATOM   302 P  P     . DG  B 1 4  ? 2.663   -11.177 -5.149  1.00 12.13 ? 16  DG  B P     1 
ATOM   303 O  OP1   . DG  B 1 4  ? 1.908   -12.239 -5.850  1.00 36.37 ? 16  DG  B OP1   1 
ATOM   304 O  OP2   . DG  B 1 4  ? 2.712   -9.833  -5.745  1.00 24.72 ? 16  DG  B OP2   1 
ATOM   305 O  "O5'" . DG  B 1 4  ? 2.040   -11.139 -3.712  1.00 20.00 ? 16  DG  B "O5'" 1 
ATOM   306 C  "C5'" . DG  B 1 4  ? 2.414   -12.096 -2.731  1.00 25.74 ? 16  DG  B "C5'" 1 
ATOM   307 C  "C4'" . DG  B 1 4  ? 2.357   -11.327 -1.434  1.00 13.71 ? 16  DG  B "C4'" 1 
ATOM   308 O  "O4'" . DG  B 1 4  ? 3.433   -10.352 -1.276  1.00 14.05 ? 16  DG  B "O4'" 1 
ATOM   309 C  "C3'" . DG  B 1 4  ? 1.023   -10.690 -1.112  1.00 16.85 ? 16  DG  B "C3'" 1 
ATOM   310 O  "O3'" . DG  B 1 4  ? 0.437   -11.319 -0.022  1.00 25.77 ? 16  DG  B "O3'" 1 
ATOM   311 C  "C2'" . DG  B 1 4  ? 1.326   -9.212  -0.900  1.00 4.72  ? 16  DG  B "C2'" 1 
ATOM   312 C  "C1'" . DG  B 1 4  ? 2.848   -9.118  -0.855  1.00 6.77  ? 16  DG  B "C1'" 1 
ATOM   313 N  N9    . DG  B 1 4  ? 3.513   -8.005  -1.575  1.00 4.69  ? 16  DG  B N9    1 
ATOM   314 C  C8    . DG  B 1 4  ? 3.296   -7.471  -2.796  1.00 5.01  ? 16  DG  B C8    1 
ATOM   315 N  N7    . DG  B 1 4  ? 4.206   -6.540  -3.113  1.00 13.43 ? 16  DG  B N7    1 
ATOM   316 C  C5    . DG  B 1 4  ? 4.955   -6.424  -1.999  1.00 12.01 ? 16  DG  B C5    1 
ATOM   317 C  C6    . DG  B 1 4  ? 6.031   -5.489  -1.659  1.00 4.97  ? 16  DG  B C6    1 
ATOM   318 O  O6    . DG  B 1 4  ? 6.615   -4.637  -2.362  1.00 2.98  ? 16  DG  B O6    1 
ATOM   319 N  N1    . DG  B 1 4  ? 6.365   -5.556  -0.327  1.00 9.94  ? 16  DG  B N1    1 
ATOM   320 C  C2    . DG  B 1 4  ? 5.894   -6.469  0.596   1.00 3.46  ? 16  DG  B C2    1 
ATOM   321 N  N2    . DG  B 1 4  ? 6.301   -6.352  1.864   1.00 16.56 ? 16  DG  B N2    1 
ATOM   322 N  N3    . DG  B 1 4  ? 5.013   -7.408  0.249   1.00 11.44 ? 16  DG  B N3    1 
ATOM   323 C  C4    . DG  B 1 4  ? 4.557   -7.323  -1.065  1.00 2.12  ? 16  DG  B C4    1 
ATOM   324 P  P     . DA  B 1 5  ? -0.763  -10.684 0.809   1.00 28.03 ? 17  DA  B P     1 
ATOM   325 O  OP1   . DA  B 1 5  ? -1.352  -11.781 1.539   1.00 35.81 ? 17  DA  B OP1   1 
ATOM   326 O  OP2   . DA  B 1 5  ? -1.699  -9.956  -0.090  1.00 26.25 ? 17  DA  B OP2   1 
ATOM   327 O  "O5'" . DA  B 1 5  ? -0.031  -9.788  1.914   1.00 17.72 ? 17  DA  B "O5'" 1 
ATOM   328 C  "C5'" . DA  B 1 5  ? 0.759   -10.360 3.001   1.00 25.63 ? 17  DA  B "C5'" 1 
ATOM   329 C  "C4'" . DA  B 1 5  ? 1.174   -9.237  3.949   1.00 20.51 ? 17  DA  B "C4'" 1 
ATOM   330 O  "O4'" . DA  B 1 5  ? 1.941   -8.207  3.349   1.00 11.20 ? 17  DA  B "O4'" 1 
ATOM   331 C  "C3'" . DA  B 1 5  ? 0.083   -8.543  4.715   1.00 17.70 ? 17  DA  B "C3'" 1 
ATOM   332 O  "O3'" . DA  B 1 5  ? 0.467   -8.214  6.117   1.00 25.62 ? 17  DA  B "O3'" 1 
ATOM   333 C  "C2'" . DA  B 1 5  ? -0.184  -7.374  3.793   1.00 9.35  ? 17  DA  B "C2'" 1 
ATOM   334 C  "C1'" . DA  B 1 5  ? 1.203   -7.003  3.320   1.00 5.61  ? 17  DA  B "C1'" 1 
ATOM   335 N  N9    . DA  B 1 5  ? 1.255   -6.343  1.989   1.00 5.42  ? 17  DA  B N9    1 
ATOM   336 C  C8    . DA  B 1 5  ? 0.478   -6.615  0.909   1.00 7.93  ? 17  DA  B C8    1 
ATOM   337 N  N7    . DA  B 1 5  ? 0.811   -5.892  -0.180  1.00 10.63 ? 17  DA  B N7    1 
ATOM   338 C  C5    . DA  B 1 5  ? 1.812   -5.137  0.248   1.00 4.99  ? 17  DA  B C5    1 
ATOM   339 C  C6    . DA  B 1 5  ? 2.646   -4.189  -0.436  1.00 4.11  ? 17  DA  B C6    1 
ATOM   340 N  N6    . DA  B 1 5  ? 2.481   -3.816  -1.752  1.00 2.32  ? 17  DA  B N6    1 
ATOM   341 N  N1    . DA  B 1 5  ? 3.600   -3.600  0.285   1.00 5.58  ? 17  DA  B N1    1 
ATOM   342 C  C2    . DA  B 1 5  ? 3.830   -3.913  1.580   1.00 8.28  ? 17  DA  B C2    1 
ATOM   343 N  N3    . DA  B 1 5  ? 3.153   -4.817  2.319   1.00 13.14 ? 17  DA  B N3    1 
ATOM   344 C  C4    . DA  B 1 5  ? 2.119   -5.387  1.576   1.00 3.94  ? 17  DA  B C4    1 
ATOM   345 P  P     . DA  B 1 6  ? -0.528  -7.471  7.123   1.00 21.86 ? 18  DA  B P     1 
ATOM   346 O  OP1   . DA  B 1 6  ? -0.635  -8.187  8.342   1.00 27.81 ? 18  DA  B OP1   1 
ATOM   347 O  OP2   . DA  B 1 6  ? -1.733  -7.114  6.375   1.00 16.63 ? 18  DA  B OP2   1 
ATOM   348 O  "O5'" . DA  B 1 6  ? 0.118   -6.099  7.430   1.00 28.97 ? 18  DA  B "O5'" 1 
ATOM   349 C  "C5'" . DA  B 1 6  ? 1.528   -5.892  7.357   1.00 20.84 ? 18  DA  B "C5'" 1 
ATOM   350 C  "C4'" . DA  B 1 6  ? 1.702   -4.400  7.237   1.00 5.83  ? 18  DA  B "C4'" 1 
ATOM   351 O  "O4'" . DA  B 1 6  ? 1.646   -4.014  5.869   1.00 10.15 ? 18  DA  B "O4'" 1 
ATOM   352 C  "C3'" . DA  B 1 6  ? 0.775   -3.486  7.987   1.00 10.69 ? 18  DA  B "C3'" 1 
ATOM   353 O  "O3'" . DA  B 1 6  ? 1.506   -2.543  8.785   1.00 34.13 ? 18  DA  B "O3'" 1 
ATOM   354 C  "C2'" . DA  B 1 6  ? -0.072  -2.902  6.848   1.00 7.93  ? 18  DA  B "C2'" 1 
ATOM   355 C  "C1'" . DA  B 1 6  ? 0.919   -2.862  5.710   1.00 3.88  ? 18  DA  B "C1'" 1 
ATOM   356 N  N9    . DA  B 1 6  ? 0.381   -2.936  4.375   1.00 4.63  ? 18  DA  B N9    1 
ATOM   357 C  C8    . DA  B 1 6  ? -0.646  -3.719  3.891   1.00 8.06  ? 18  DA  B C8    1 
ATOM   358 N  N7    . DA  B 1 6  ? -0.882  -3.595  2.596   1.00 7.79  ? 18  DA  B N7    1 
ATOM   359 C  C5    . DA  B 1 6  ? 0.026   -2.620  2.261   1.00 3.14  ? 18  DA  B C5    1 
ATOM   360 C  C6    . DA  B 1 6  ? 0.339   -1.988  1.021   1.00 4.74  ? 18  DA  B C6    1 
ATOM   361 N  N6    . DA  B 1 6  ? -0.281  -2.356  -0.154  1.00 11.35 ? 18  DA  B N6    1 
ATOM   362 N  N1    . DA  B 1 6  ? 1.346   -1.088  0.997   1.00 2.82  ? 18  DA  B N1    1 
ATOM   363 C  C2    . DA  B 1 6  ? 2.067   -0.794  2.076   1.00 1.49  ? 18  DA  B C2    1 
ATOM   364 N  N3    . DA  B 1 6  ? 1.870   -1.320  3.271   1.00 10.03 ? 18  DA  B N3    1 
ATOM   365 C  C4    . DA  B 1 6  ? 0.830   -2.230  3.313   1.00 3.01  ? 18  DA  B C4    1 
ATOM   366 P  P     . DT  B 1 7  ? 0.762   -1.348  9.530   1.00 27.91 ? 19  DT  B P     1 
ATOM   367 O  OP1   . DT  B 1 7  ? 1.462   -1.122  10.770  1.00 28.67 ? 19  DT  B OP1   1 
ATOM   368 O  OP2   . DT  B 1 7  ? -0.646  -1.671  9.634   1.00 26.71 ? 19  DT  B OP2   1 
ATOM   369 O  "O5'" . DT  B 1 7  ? 0.920   -0.085  8.527   1.00 22.51 ? 19  DT  B "O5'" 1 
ATOM   370 C  "C5'" . DT  B 1 7  ? 2.183   0.302   8.003   1.00 10.64 ? 19  DT  B "C5'" 1 
ATOM   371 C  "C4'" . DT  B 1 7  ? 1.873   1.300   6.903   1.00 1.25  ? 19  DT  B "C4'" 1 
ATOM   372 O  "O4'" . DT  B 1 7  ? 1.344   0.727   5.715   1.00 1.23  ? 19  DT  B "O4'" 1 
ATOM   373 C  "C3'" . DT  B 1 7  ? 1.010   2.477   7.299   1.00 4.66  ? 19  DT  B "C3'" 1 
ATOM   374 O  "O3'" . DT  B 1 7  ? 1.780   3.657   7.353   1.00 18.54 ? 19  DT  B "O3'" 1 
ATOM   375 C  "C2'" . DT  B 1 7  ? -0.066  2.522   6.233   1.00 8.54  ? 19  DT  B "C2'" 1 
ATOM   376 C  "C1'" . DT  B 1 7  ? 0.497   1.709   5.099   1.00 2.15  ? 19  DT  B "C1'" 1 
ATOM   377 N  N1    . DT  B 1 7  ? -0.585  1.025   4.234   1.00 5.42  ? 19  DT  B N1    1 
ATOM   378 C  C2    . DT  B 1 7  ? -0.679  1.360   2.947   1.00 4.43  ? 19  DT  B C2    1 
ATOM   379 O  O2    . DT  B 1 7  ? 0.097   2.083   2.420   1.00 4.50  ? 19  DT  B O2    1 
ATOM   380 N  N3    . DT  B 1 7  ? -1.537  0.688   2.176   1.00 4.79  ? 19  DT  B N3    1 
ATOM   381 C  C4    . DT  B 1 7  ? -2.397  -0.293  2.587   1.00 10.46 ? 19  DT  B C4    1 
ATOM   382 O  O4    . DT  B 1 7  ? -2.961  -0.964  1.672   1.00 5.89  ? 19  DT  B O4    1 
ATOM   383 C  C5    . DT  B 1 7  ? -2.432  -0.530  3.975   1.00 12.95 ? 19  DT  B C5    1 
ATOM   384 C  C7    . DT  B 1 7  ? -3.302  -1.574  4.597   1.00 27.21 ? 19  DT  B C7    1 
ATOM   385 C  C6    . DT  B 1 7  ? -1.494  0.132   4.778   1.00 3.36  ? 19  DT  B C6    1 
ATOM   386 P  P     . DT  B 1 8  ? 1.202   5.021   7.895   1.00 10.68 ? 20  DT  B P     1 
ATOM   387 O  OP1   . DT  B 1 8  ? 2.376   5.722   8.478   1.00 23.04 ? 20  DT  B OP1   1 
ATOM   388 O  OP2   . DT  B 1 8  ? 0.002   4.881   8.771   1.00 26.33 ? 20  DT  B OP2   1 
ATOM   389 O  "O5'" . DT  B 1 8  ? 0.675   5.735   6.617   1.00 9.06  ? 20  DT  B "O5'" 1 
ATOM   390 C  "C5'" . DT  B 1 8  ? 1.660   6.211   5.653   1.00 22.97 ? 20  DT  B "C5'" 1 
ATOM   391 C  "C4'" . DT  B 1 8  ? 0.921   6.712   4.438   1.00 4.48  ? 20  DT  B "C4'" 1 
ATOM   392 O  "O4'" . DT  B 1 8  ? 0.036   5.693   4.097   1.00 6.04  ? 20  DT  B "O4'" 1 
ATOM   393 C  "C3'" . DT  B 1 8  ? -0.060  7.886   4.623   1.00 7.72  ? 20  DT  B "C3'" 1 
ATOM   394 O  "O3'" . DT  B 1 8  ? 0.306   8.872   3.685   1.00 21.24 ? 20  DT  B "O3'" 1 
ATOM   395 C  "C2'" . DT  B 1 8  ? -1.417  7.304   4.364   1.00 3.13  ? 20  DT  B "C2'" 1 
ATOM   396 C  "C1'" . DT  B 1 8  ? -1.030  6.210   3.415   1.00 1.84  ? 20  DT  B "C1'" 1 
ATOM   397 N  N1    . DT  B 1 8  ? -1.949  5.090   3.180   1.00 3.67  ? 20  DT  B N1    1 
ATOM   398 C  C2    . DT  B 1 8  ? -2.402  4.840   1.924   1.00 10.00 ? 20  DT  B C2    1 
ATOM   399 O  O2    . DT  B 1 8  ? -2.006  5.472   0.952   1.00 6.87  ? 20  DT  B O2    1 
ATOM   400 N  N3    . DT  B 1 8  ? -3.297  3.836   1.767   1.00 3.73  ? 20  DT  B N3    1 
ATOM   401 C  C4    . DT  B 1 8  ? -3.777  3.052   2.836   1.00 4.58  ? 20  DT  B C4    1 
ATOM   402 O  O4    . DT  B 1 8  ? -4.555  2.111   2.591   1.00 5.94  ? 20  DT  B O4    1 
ATOM   403 C  C5    . DT  B 1 8  ? -3.331  3.345   4.126   1.00 7.28  ? 20  DT  B C5    1 
ATOM   404 C  C7    . DT  B 1 8  ? -3.937  2.705   5.341   1.00 14.93 ? 20  DT  B C7    1 
ATOM   405 C  C6    . DT  B 1 8  ? -2.394  4.371   4.278   1.00 3.01  ? 20  DT  B C6    1 
HETATM 406 BR BR    . CBR B 1 9  ? -5.443  6.907   4.862   1.00 29.54 ? 21  CBR B BR    1 
HETATM 407 P  P     . CBR B 1 9  ? -0.367  10.309  3.671   1.00 11.95 ? 21  CBR B P     1 
HETATM 408 O  OP1   . CBR B 1 9  ? 0.784   11.202  3.406   1.00 22.41 ? 21  CBR B OP1   1 
HETATM 409 O  OP2   . CBR B 1 9  ? -1.335  10.577  4.663   1.00 5.05  ? 21  CBR B OP2   1 
HETATM 410 O  "O5'" . CBR B 1 9  ? -1.235  10.116  2.354   1.00 11.74 ? 21  CBR B "O5'" 1 
HETATM 411 N  N1    . CBR B 1 9  ? -4.757  7.929   0.816   1.00 7.74  ? 21  CBR B N1    1 
HETATM 412 C  C6    . CBR B 1 9  ? -4.722  7.941   2.187   1.00 19.52 ? 21  CBR B C6    1 
HETATM 413 C  C2    . CBR B 1 9  ? -5.442  6.951   0.147   1.00 2.26  ? 21  CBR B C2    1 
HETATM 414 O  O2    . CBR B 1 9  ? -5.369  6.906   -1.046  1.00 3.44  ? 21  CBR B O2    1 
HETATM 415 N  N3    . CBR B 1 9  ? -6.037  5.969   0.830   1.00 3.93  ? 21  CBR B N3    1 
HETATM 416 C  C4    . CBR B 1 9  ? -5.980  5.924   2.143   1.00 3.94  ? 21  CBR B C4    1 
HETATM 417 N  N4    . CBR B 1 9  ? -6.515  4.837   2.762   1.00 10.20 ? 21  CBR B N4    1 
HETATM 418 C  C5    . CBR B 1 9  ? -5.383  6.938   2.912   1.00 9.32  ? 21  CBR B C5    1 
HETATM 419 C  "C2'" . CBR B 1 9  ? -4.084  10.318  0.189   1.00 6.15  ? 21  CBR B "C2'" 1 
HETATM 420 C  "C5'" . CBR B 1 9  ? -0.632  9.953   1.107   1.00 5.41  ? 21  CBR B "C5'" 1 
HETATM 421 C  "C4'" . CBR B 1 9  ? -1.737  9.743   0.140   1.00 9.13  ? 21  CBR B "C4'" 1 
HETATM 422 O  "O4'" . CBR B 1 9  ? -2.520  8.619   0.479   1.00 4.36  ? 21  CBR B "O4'" 1 
HETATM 423 C  "C1'" . CBR B 1 9  ? -3.851  8.846   0.027   1.00 6.46  ? 21  CBR B "C1'" 1 
HETATM 424 C  "C3'" . CBR B 1 9  ? -2.679  10.920  -0.009  1.00 15.08 ? 21  CBR B "C3'" 1 
HETATM 425 O  "O3'" . CBR B 1 9  ? -2.448  11.670  -1.274  1.00 20.63 ? 21  CBR B "O3'" 1 
ATOM   426 P  P     . DG  B 1 10 ? -2.849  13.248  -1.516  1.00 10.83 ? 22  DG  B P     1 
ATOM   427 O  OP1   . DG  B 1 10 ? -1.680  13.771  -2.289  1.00 26.66 ? 22  DG  B OP1   1 
ATOM   428 O  OP2   . DG  B 1 10 ? -3.229  13.853  -0.286  1.00 3.91  ? 22  DG  B OP2   1 
ATOM   429 O  "O5'" . DG  B 1 10 ? -4.130  13.061  -2.520  1.00 17.59 ? 22  DG  B "O5'" 1 
ATOM   430 C  "C5'" . DG  B 1 10 ? -4.373  11.845  -3.346  1.00 14.52 ? 22  DG  B "C5'" 1 
ATOM   431 C  "C4'" . DG  B 1 10 ? -5.852  11.435  -3.528  1.00 8.42  ? 22  DG  B "C4'" 1 
ATOM   432 O  "O4'" . DG  B 1 10 ? -6.351  10.439  -2.617  1.00 8.13  ? 22  DG  B "O4'" 1 
ATOM   433 C  "C3'" . DG  B 1 10 ? -6.865  12.492  -3.406  1.00 8.60  ? 22  DG  B "C3'" 1 
ATOM   434 O  "O3'" . DG  B 1 10 ? -7.852  12.355  -4.320  1.00 22.63 ? 22  DG  B "O3'" 1 
ATOM   435 C  "C2'" . DG  B 1 10 ? -7.478  12.277  -2.070  1.00 5.54  ? 22  DG  B "C2'" 1 
ATOM   436 C  "C1'" . DG  B 1 10 ? -7.558  10.809  -2.065  1.00 0.87  ? 22  DG  B "C1'" 1 
ATOM   437 N  N9    . DG  B 1 10 ? -7.752  10.173  -0.731  1.00 1.89  ? 22  DG  B N9    1 
ATOM   438 C  C8    . DG  B 1 10 ? -7.381  10.550  0.540   1.00 2.91  ? 22  DG  B C8    1 
ATOM   439 N  N7    . DG  B 1 10 ? -7.801  9.690   1.492   1.00 15.59 ? 22  DG  B N7    1 
ATOM   440 C  C5    . DG  B 1 10 ? -8.408  8.720   0.796   1.00 1.36  ? 22  DG  B C5    1 
ATOM   441 C  C6    . DG  B 1 10 ? -9.014  7.503   1.207   1.00 0.92  ? 22  DG  B C6    1 
ATOM   442 O  O6    . DG  B 1 10 ? -9.197  7.074   2.314   1.00 15.25 ? 22  DG  B O6    1 
ATOM   443 N  N1    . DG  B 1 10 ? -9.523  6.776   0.150   1.00 6.71  ? 22  DG  B N1    1 
ATOM   444 C  C2    . DG  B 1 10 ? -9.542  7.141   -1.155  1.00 2.04  ? 22  DG  B C2    1 
ATOM   445 N  N2    . DG  B 1 10 ? -10.003 6.245   -2.029  1.00 4.74  ? 22  DG  B N2    1 
ATOM   446 N  N3    . DG  B 1 10 ? -9.032  8.290   -1.563  1.00 1.83  ? 22  DG  B N3    1 
ATOM   447 C  C4    . DG  B 1 10 ? -8.441  9.035   -0.565  1.00 5.71  ? 22  DG  B C4    1 
ATOM   448 P  P     . DC  B 1 11 ? -7.779  12.968  -5.725  1.00 18.02 ? 23  DC  B P     1 
ATOM   449 O  OP1   . DC  B 1 11 ? -6.420  13.079  -6.146  1.00 23.91 ? 23  DC  B OP1   1 
ATOM   450 O  OP2   . DC  B 1 11 ? -8.477  14.272  -5.496  1.00 22.26 ? 23  DC  B OP2   1 
ATOM   451 O  "O5'" . DC  B 1 11 ? -8.752  12.030  -6.583  1.00 7.03  ? 23  DC  B "O5'" 1 
ATOM   452 C  "C5'" . DC  B 1 11 ? -8.304  10.825  -7.109  1.00 22.46 ? 23  DC  B "C5'" 1 
ATOM   453 C  "C4'" . DC  B 1 11 ? -9.540  9.985   -7.060  1.00 24.93 ? 23  DC  B "C4'" 1 
ATOM   454 O  "O4'" . DC  B 1 11 ? -9.849  9.568   -5.801  1.00 10.22 ? 23  DC  B "O4'" 1 
ATOM   455 C  "C3'" . DC  B 1 11 ? -10.845 10.433  -7.595  1.00 11.05 ? 23  DC  B "C3'" 1 
ATOM   456 O  "O3'" . DC  B 1 11 ? -11.365 9.354   -8.317  1.00 27.05 ? 23  DC  B "O3'" 1 
ATOM   457 C  "C2'" . DC  B 1 11 ? -11.671 10.822  -6.363  1.00 4.35  ? 23  DC  B "C2'" 1 
ATOM   458 C  "C1'" . DC  B 1 11 ? -11.237 9.737   -5.463  1.00 5.58  ? 23  DC  B "C1'" 1 
ATOM   459 N  N1    . DC  B 1 11 ? -11.234 10.061  -3.948  1.00 7.08  ? 23  DC  B N1    1 
ATOM   460 C  C2    . DC  B 1 11 ? -11.712 9.154   -3.054  1.00 5.15  ? 23  DC  B C2    1 
ATOM   461 O  O2    . DC  B 1 11 ? -12.151 8.087   -3.474  1.00 2.33  ? 23  DC  B O2    1 
ATOM   462 N  N3    . DC  B 1 11 ? -11.727 9.483   -1.747  1.00 4.81  ? 23  DC  B N3    1 
ATOM   463 C  C4    . DC  B 1 11 ? -11.251 10.640  -1.281  1.00 4.20  ? 23  DC  B C4    1 
ATOM   464 N  N4    . DC  B 1 11 ? -11.203 10.858  0.056   1.00 2.88  ? 23  DC  B N4    1 
ATOM   465 C  C5    . DC  B 1 11 ? -10.722 11.604  -2.142  1.00 2.34  ? 23  DC  B C5    1 
ATOM   466 C  C6    . DC  B 1 11 ? -10.742 11.284  -3.494  1.00 16.18 ? 23  DC  B C6    1 
ATOM   467 P  P     . DG  B 1 12 ? -12.221 9.553   -9.653  1.00 30.53 ? 24  DG  B P     1 
ATOM   468 O  OP1   . DG  B 1 12 ? -11.862 8.517   -10.711 1.00 35.44 ? 24  DG  B OP1   1 
ATOM   469 O  OP2   . DG  B 1 12 ? -12.214 10.985  -10.061 1.00 31.74 ? 24  DG  B OP2   1 
ATOM   470 O  "O5'" . DG  B 1 12 ? -13.733 9.260   -9.156  1.00 28.97 ? 24  DG  B "O5'" 1 
ATOM   471 C  "C5'" . DG  B 1 12 ? -14.054 8.017   -8.514  1.00 19.16 ? 24  DG  B "C5'" 1 
ATOM   472 C  "C4'" . DG  B 1 12 ? -15.331 8.181   -7.740  1.00 8.87  ? 24  DG  B "C4'" 1 
ATOM   473 O  "O4'" . DG  B 1 12 ? -14.933 8.697   -6.501  1.00 5.78  ? 24  DG  B "O4'" 1 
ATOM   474 C  "C3'" . DG  B 1 12 ? -16.371 9.154   -8.270  1.00 10.30 ? 24  DG  B "C3'" 1 
ATOM   475 O  "O3'" . DG  B 1 12 ? -17.444 8.494   -8.957  1.00 31.28 ? 24  DG  B "O3'" 1 
ATOM   476 C  "C2'" . DG  B 1 12 ? -16.891 9.847   -7.036  1.00 19.26 ? 24  DG  B "C2'" 1 
ATOM   477 C  "C1'" . DG  B 1 12 ? -16.120 9.206   -5.909  1.00 6.40  ? 24  DG  B "C1'" 1 
ATOM   478 N  N9    . DG  B 1 12 ? -15.738 10.148  -4.859  1.00 5.62  ? 24  DG  B N9    1 
ATOM   479 C  C8    . DG  B 1 12 ? -15.274 11.440  -4.911  1.00 9.73  ? 24  DG  B C8    1 
ATOM   480 N  N7    . DG  B 1 12 ? -14.905 11.907  -3.684  1.00 7.67  ? 24  DG  B N7    1 
ATOM   481 C  C5    . DG  B 1 12 ? -15.170 10.890  -2.841  1.00 7.65  ? 24  DG  B C5    1 
ATOM   482 C  C6    . DG  B 1 12 ? -15.070 10.818  -1.397  1.00 5.19  ? 24  DG  B C6    1 
ATOM   483 O  O6    . DG  B 1 12 ? -14.685 11.671  -0.614  1.00 21.43 ? 24  DG  B O6    1 
ATOM   484 N  N1    . DG  B 1 12 ? -15.582 9.652   -0.896  1.00 14.29 ? 24  DG  B N1    1 
ATOM   485 C  C2    . DG  B 1 12 ? -16.134 8.600   -1.615  1.00 9.64  ? 24  DG  B C2    1 
ATOM   486 N  N2    . DG  B 1 12 ? -16.803 7.597   -0.946  1.00 5.57  ? 24  DG  B N2    1 
ATOM   487 N  N3    . DG  B 1 12 ? -16.180 8.671   -2.928  1.00 9.92  ? 24  DG  B N3    1 
ATOM   488 C  C4    . DG  B 1 12 ? -15.699 9.828   -3.510  1.00 7.28  ? 24  DG  B C4    1 
HETATM 489 C  C1    . NT  C 2 .  ? -3.145  7.787   -4.276  1.00 9.16  ? 25  NT  B C1    1 
HETATM 490 N  N1    . NT  C 2 .  ? -3.754  6.733   -4.711  1.00 12.13 ? 25  NT  B N1    1 
HETATM 491 N  N2    . NT  C 2 .  ? -3.206  8.895   -4.930  1.00 14.59 ? 25  NT  B N2    1 
HETATM 492 N  N3    . NT  C 2 .  ? -2.402  7.738   -3.197  1.00 19.72 ? 25  NT  B N3    1 
HETATM 493 C  C2    . NT  C 2 .  ? -1.660  6.591   -2.591  1.00 7.48  ? 25  NT  B C2    1 
HETATM 494 C  C3    . NT  C 2 .  ? -0.474  7.077   -1.795  1.00 4.21  ? 25  NT  B C3    1 
HETATM 495 O  O1    . NT  C 2 .  ? 0.098   8.190   -2.029  1.00 9.42  ? 25  NT  B O1    1 
HETATM 496 N  N4    . NT  C 2 .  ? -0.124  6.268   -0.777  1.00 6.73  ? 25  NT  B N4    1 
HETATM 497 C  C4    . NT  C 2 .  ? 1.051   6.482   -0.012  1.00 6.08  ? 25  NT  B C4    1 
HETATM 498 C  C5    . NT  C 2 .  ? 1.592   5.600   0.851   1.00 6.75  ? 25  NT  B C5    1 
HETATM 499 C  C6    . NT  C 2 .  ? 2.695   6.141   1.449   1.00 8.60  ? 25  NT  B C6    1 
HETATM 500 N  N5    . NT  C 2 .  ? 2.883   7.397   0.944   1.00 9.80  ? 25  NT  B N5    1 
HETATM 501 C  C8    . NT  C 2 .  ? 3.927   8.429   1.331   1.00 7.69  ? 25  NT  B C8    1 
HETATM 502 C  C7    . NT  C 2 .  ? 1.870   7.592   0.008   1.00 6.55  ? 25  NT  B C7    1 
HETATM 503 C  C9    . NT  C 2 .  ? 3.442   5.525   2.509   1.00 18.75 ? 25  NT  B C9    1 
HETATM 504 O  O2    . NT  C 2 .  ? 4.245   6.203   3.188   1.00 30.12 ? 25  NT  B O2    1 
HETATM 505 N  N6    . NT  C 2 .  ? 3.288   4.242   2.670   1.00 6.63  ? 25  NT  B N6    1 
HETATM 506 C  C10   . NT  C 2 .  ? 4.034   3.465   3.606   1.00 11.60 ? 25  NT  B C10   1 
HETATM 507 C  C11   . NT  C 2 .  ? 4.171   2.075   3.591   1.00 10.80 ? 25  NT  B C11   1 
HETATM 508 C  C12   . NT  C 2 .  ? 4.876   1.716   4.718   1.00 13.12 ? 25  NT  B C12   1 
HETATM 509 N  N7    . NT  C 2 .  ? 5.225   2.900   5.372   1.00 10.62 ? 25  NT  B N7    1 
HETATM 510 C  C14   . NT  C 2 .  ? 5.978   3.004   6.675   1.00 15.19 ? 25  NT  B C14   1 
HETATM 511 C  C13   . NT  C 2 .  ? 4.685   3.945   4.705   1.00 4.49  ? 25  NT  B C13   1 
HETATM 512 C  C15   . NT  C 2 .  ? 5.189   0.359   5.191   1.00 13.85 ? 25  NT  B C15   1 
HETATM 513 O  O3    . NT  C 2 .  ? 5.586   0.146   6.381   1.00 17.09 ? 25  NT  B O3    1 
HETATM 514 N  N8    . NT  C 2 .  ? 5.091   -0.630  4.311   1.00 7.92  ? 25  NT  B N8    1 
HETATM 515 C  C16   . NT  C 2 .  ? 5.429   -2.087  4.684   1.00 23.70 ? 25  NT  B C16   1 
HETATM 516 C  C17   . NT  C 2 .  ? 4.481   -2.796  5.712   1.00 18.53 ? 25  NT  B C17   1 
HETATM 517 C  C18   . NT  C 2 .  ? 4.646   -4.341  5.762   1.00 28.05 ? 25  NT  B C18   1 
HETATM 518 N  N9    . NT  C 2 .  ? 4.821   -5.048  6.901   1.00 35.29 ? 25  NT  B N9    1 
HETATM 519 N  N10   . NT  C 2 .  ? 3.996   -5.004  4.828   1.00 32.53 ? 25  NT  B N10   1 
HETATM 520 O  O     . HOH D 3 .  ? -0.921  0.908   -8.667  1.00 20.38 ? 26  HOH A O     1 
HETATM 521 O  O     . HOH D 3 .  ? -15.805 12.405  7.421   1.00 18.73 ? 27  HOH A O     1 
HETATM 522 O  O     . HOH D 3 .  ? -15.960 -2.319  -5.733  1.00 24.67 ? 28  HOH A O     1 
HETATM 523 O  O     . HOH D 3 .  ? -6.137  -2.029  -1.546  1.00 13.51 ? 30  HOH A O     1 
HETATM 524 O  O     . HOH D 3 .  ? 13.108  -4.740  12.885  1.00 18.59 ? 34  HOH A O     1 
HETATM 525 O  O     . HOH D 3 .  ? 6.426   -19.358 8.502   1.00 16.36 ? 38  HOH A O     1 
HETATM 526 O  O     . HOH D 3 .  ? 7.203   -14.365 10.596  1.00 24.45 ? 39  HOH A O     1 
HETATM 527 O  O     . HOH D 3 .  ? -18.742 12.374  7.123   1.00 17.24 ? 42  HOH A O     1 
HETATM 528 O  O     . HOH D 3 .  ? -13.070 12.534  6.480   1.00 16.27 ? 46  HOH A O     1 
HETATM 529 O  O     . HOH D 3 .  ? -15.031 2.754   10.352  1.00 21.90 ? 49  HOH A O     1 
HETATM 530 O  O     . HOH D 3 .  ? 3.805   11.674  -10.364 1.00 24.15 ? 50  HOH A O     1 
HETATM 531 O  O     . HOH D 3 .  ? -8.101  0.437   -12.403 1.00 20.15 ? 51  HOH A O     1 
HETATM 532 O  O     . HOH D 3 .  ? 10.122  -18.687 11.198  1.00 24.86 ? 52  HOH A O     1 
HETATM 533 O  O     . HOH D 3 .  ? -12.199 0.238   4.553   1.00 28.19 ? 55  HOH A O     1 
HETATM 534 O  O     . HOH D 3 .  ? -9.241  -0.352  1.839   1.00 21.66 ? 56  HOH A O     1 
HETATM 535 O  O     . HOH D 3 .  ? -8.358  1.081   3.928   1.00 20.29 ? 57  HOH A O     1 
HETATM 536 O  O     . HOH D 3 .  ? -8.060  2.394   6.569   1.00 24.24 ? 58  HOH A O     1 
HETATM 537 O  O     . HOH D 3 .  ? -3.460  -3.614  -4.650  1.00 30.89 ? 60  HOH A O     1 
HETATM 538 O  O     . HOH D 3 .  ? 0.773   -2.461  -7.062  1.00 26.47 ? 61  HOH A O     1 
HETATM 539 O  O     . HOH D 3 .  ? 10.551  -6.645  15.468  1.00 28.80 ? 72  HOH A O     1 
HETATM 540 O  O     . HOH D 3 .  ? 16.329  -7.498  8.783   1.00 29.01 ? 73  HOH A O     1 
HETATM 541 O  O     . HOH D 3 .  ? 3.085   9.028   -9.194  1.00 17.64 ? 78  HOH A O     1 
HETATM 542 O  O     . HOH D 3 .  ? -0.115  9.239   -9.541  1.00 19.16 ? 79  HOH A O     1 
HETATM 543 O  O     . HOH D 3 .  ? -1.834  -2.993  -6.923  1.00 26.50 ? 82  HOH A O     1 
HETATM 544 O  O     . HOH D 3 .  ? -16.259 13.061  4.380   1.00 24.02 ? 84  HOH A O     1 
HETATM 545 O  O     . HOH D 3 .  ? -7.615  -4.428  -5.297  1.00 26.74 ? 85  HOH A O     1 
HETATM 546 O  O     . HOH D 3 .  ? 19.116  -9.153  6.783   1.00 25.99 ? 89  HOH A O     1 
HETATM 547 O  O     . HOH D 3 .  ? 19.263  -9.461  9.816   1.00 25.48 ? 90  HOH A O     1 
HETATM 548 O  O     . HOH D 3 .  ? -5.968  -2.986  -13.423 1.00 23.60 ? 91  HOH A O     1 
HETATM 549 O  O     . HOH D 3 .  ? -6.595  -6.066  -2.556  1.00 24.59 ? 92  HOH A O     1 
HETATM 550 O  O     . HOH D 3 .  ? 9.341   -0.535  -5.870  1.00 24.38 ? 94  HOH A O     1 
HETATM 551 O  O     . HOH D 3 .  ? 15.703  1.278   -1.456  1.00 27.42 ? 97  HOH A O     1 
HETATM 552 O  O     . HOH D 3 .  ? 17.023  -7.508  5.618   1.00 25.25 ? 100 HOH A O     1 
HETATM 553 O  O     . HOH E 3 .  ? -8.249  16.855  -4.867  1.00 24.39 ? 29  HOH B O     1 
HETATM 554 O  O     . HOH E 3 .  ? -2.273  -4.629  0.544   1.00 17.90 ? 31  HOH B O     1 
HETATM 555 O  O     . HOH E 3 .  ? -4.036  -4.619  3.539   1.00 22.20 ? 32  HOH B O     1 
HETATM 556 O  O     . HOH E 3 .  ? -2.832  1.465   8.266   1.00 17.56 ? 33  HOH B O     1 
HETATM 557 O  O     . HOH E 3 .  ? -0.797  -14.696 3.042   1.00 28.57 ? 35  HOH B O     1 
HETATM 558 O  O     . HOH E 3 .  ? 11.135  -3.795  -5.594  1.00 30.45 ? 36  HOH B O     1 
HETATM 559 O  O     . HOH E 3 .  ? 14.628  -5.367  -1.881  1.00 19.40 ? 37  HOH B O     1 
HETATM 560 O  O     . HOH E 3 .  ? -8.437  7.958   -4.042  1.00 14.74 ? 40  HOH B O     1 
HETATM 561 O  O     . HOH E 3 .  ? -5.884  4.964   9.079   1.00 26.29 ? 41  HOH B O     1 
HETATM 562 O  O     . HOH E 3 .  ? -5.752  13.032  -9.629  1.00 25.77 ? 43  HOH B O     1 
HETATM 563 O  O     . HOH E 3 .  ? -7.449  15.285  0.692   1.00 15.10 ? 44  HOH B O     1 
HETATM 564 O  O     . HOH E 3 .  ? 20.673  -5.775  -5.611  1.00 21.92 ? 45  HOH B O     1 
HETATM 565 O  O     . HOH E 3 .  ? -5.790  15.119  3.949   1.00 25.51 ? 47  HOH B O     1 
HETATM 566 O  O     . HOH E 3 .  ? -6.488  8.643   12.978  1.00 19.10 ? 48  HOH B O     1 
HETATM 567 O  O     . HOH E 3 .  ? 1.901   11.103  -3.090  1.00 23.44 ? 53  HOH B O     1 
HETATM 568 O  O     . HOH E 3 .  ? -4.338  9.352   7.946   1.00 23.71 ? 54  HOH B O     1 
HETATM 569 O  O     . HOH E 3 .  ? -3.437  6.492   12.020  1.00 19.67 ? 59  HOH B O     1 
HETATM 570 O  O     . HOH E 3 .  ? 6.247   9.082   7.934   1.00 20.45 ? 62  HOH B O     1 
HETATM 571 O  O     . HOH E 3 .  ? 0.388   -4.341  -2.949  1.00 25.43 ? 63  HOH B O     1 
HETATM 572 O  O     . HOH E 3 .  ? 2.931   -4.645  -7.469  1.00 28.10 ? 64  HOH B O     1 
HETATM 573 O  O     . HOH E 3 .  ? -2.935  -4.818  5.981   1.00 24.73 ? 65  HOH B O     1 
HETATM 574 O  O     . HOH E 3 .  ? 4.464   -7.771  7.901   1.00 25.08 ? 66  HOH B O     1 
HETATM 575 O  O     . HOH E 3 .  ? 7.668   -3.377  -9.471  1.00 28.88 ? 67  HOH B O     1 
HETATM 576 O  O     . HOH E 3 .  ? 3.769   -9.740  -9.341  1.00 27.85 ? 68  HOH B O     1 
HETATM 577 O  O     . HOH E 3 .  ? 6.797   -5.601  -7.211  1.00 24.83 ? 69  HOH B O     1 
HETATM 578 O  O     . HOH E 3 .  ? 4.161   -8.357  4.661   1.00 21.55 ? 70  HOH B O     1 
HETATM 579 O  O     . HOH E 3 .  ? 6.906   -2.517  -16.913 1.00 16.17 ? 71  HOH B O     1 
HETATM 580 O  O     . HOH E 3 .  ? 4.146   13.542  2.473   1.00 26.26 ? 74  HOH B O     1 
HETATM 581 O  O     . HOH E 3 .  ? -11.086 9.680   4.982   1.00 13.85 ? 75  HOH B O     1 
HETATM 582 O  O     . HOH E 3 .  ? -7.419  10.768  3.959   1.00 19.90 ? 76  HOH B O     1 
HETATM 583 O  O     . HOH E 3 .  ? -9.007  10.291  6.197   1.00 20.23 ? 77  HOH B O     1 
HETATM 584 O  O     . HOH E 3 .  ? 4.690   -5.583  -14.211 1.00 25.30 ? 80  HOH B O     1 
HETATM 585 O  O     . HOH E 3 .  ? 1.270   12.604  7.183   1.00 27.89 ? 81  HOH B O     1 
HETATM 586 O  O     . HOH E 3 .  ? 5.024   -1.955  -10.696 1.00 28.47 ? 83  HOH B O     1 
HETATM 587 O  O     . HOH E 3 .  ? -14.317 5.489   -20.439 1.00 21.84 ? 86  HOH B O     1 
HETATM 588 O  O     . HOH E 3 .  ? -6.255  17.178  -2.422  1.00 24.45 ? 87  HOH B O     1 
HETATM 589 O  O     . HOH E 3 .  ? 22.738  -3.208  -4.779  1.00 24.51 ? 88  HOH B O     1 
HETATM 590 O  O     . HOH E 3 .  ? -5.057  -7.974  4.771   1.00 24.23 ? 93  HOH B O     1 
HETATM 591 O  O     . HOH E 3 .  ? 7.303   -3.065  -5.837  1.00 23.14 ? 95  HOH B O     1 
HETATM 592 O  O     . HOH E 3 .  ? 6.093   -2.747  8.678   1.00 24.13 ? 96  HOH B O     1 
HETATM 593 O  O     . HOH E 3 .  ? 13.028  -8.776  -14.069 1.00 24.80 ? 98  HOH B O     1 
HETATM 594 O  O     . HOH E 3 .  ? 10.159  -11.150 -11.631 1.00 23.97 ? 99  HOH B O     1 
# 
